data_4WM8
#
_entry.id   4WM8
#
_cell.length_a   327.000
_cell.length_b   347.800
_cell.length_c   357.100
_cell.angle_alpha   90.000
_cell.angle_beta   90.000
_cell.angle_gamma   90.000
#
_symmetry.space_group_name_H-M   'I 2 2 2'
#
loop_
_entity.id
_entity.type
_entity.pdbx_description
1 polymer VP1
2 polymer VP2
3 polymer VP3
4 polymer VP4
5 non-polymer 'DECANOIC ACID'
6 water water
#
loop_
_entity_poly.entity_id
_entity_poly.type
_entity_poly.pdbx_seq_one_letter_code
_entity_poly.pdbx_strand_id
1 'polypeptide(L)'
;VESIIKTATDTVKSEINAELGVVPSLNAVETGATSNTEPEEAIQTRTVINQHGVSETLVENFLGRAALVSKKSFEYKNHA
SSSAGTHKNFFKWTINTKSFVQLRRKLELFTYLRFDAEITILTTVAVNGNNDSTYMGLPDLTLQAMFVPTGALTPKEQDS
FHWQSGSNASVFFKISDPPARMTIPFMCINSAYSVFYDGFAGFEKNGLYGINPADTIGNLCVRIVNEHQPVGFTVTVRVY
MKPKHIKAWAPRPPRTMPYMSIANANYKGRDTAPNTLNAIIGNRASVTTMPHNIVTT
;
A
2 'polypeptide(L)'
;SPSAEACGYSDRVLQLKLGNSAIVTQEAANYCCAYGEWPNYLPDHEAVAIDKPTQPETSTDRFYTLRSVKWESNSTGWWW
KLPDALNNIGMFGQNVQYHYLYRSGFLIHVQCNATKFHQGALLVVAIPEHQRGAHDTTTSPGFNDIMKGERGGTFNHPYV
LDDGTSIACATIFPHQWINLRTNNSATIVLPWMNVAPMDFPLRHNQWTLAVIPVVPLGTRTMSSVVPITVSIAPMCCEFN
GLRHAITQ
;
B
3 'polypeptide(L)'
;GVPTYLLPGSGQFLTTDDHSSAPVLPCFNPTPEMHIPGQIRNMLEMIQVESMMEINNTDGANGMERLRVDISVQADLDQL
LFNIPLDIQLDGPLRNTLVGNISRYYTHWSGSLEMTFMFCGSFMATGKLILCYTPPGGSCPTTRETAMLGTHIVWDFGLQ
SSITLIIPWISGSHYRMFNSDAKSTNANVGYVTCFMQTNLIVPSESSDTCSLIGFIAAKDDFSLRLMRDSPDIGQSNHLH
GAEAAYQ
;
C
4 'polypeptide(L)' GAQVTRQQTGTHENANIATNGSHITYNQINFYKDSYAASASKQDFSQDPSKFTEPVVEGLKAGAPVLK D
#
loop_
_chem_comp.id
_chem_comp.type
_chem_comp.name
_chem_comp.formula
DKA non-polymer 'DECANOIC ACID' 'C10 H20 O2'
#
# COMPACT_ATOMS: atom_id res chain seq x y z
N VAL A 1 17.96 -10.77 9.77
CA VAL A 1 17.10 -10.61 8.54
C VAL A 1 17.48 -9.36 7.75
N GLU A 2 17.84 -8.29 8.46
CA GLU A 2 18.24 -7.05 7.81
C GLU A 2 19.66 -7.18 7.25
N SER A 3 19.89 -6.62 6.08
CA SER A 3 21.21 -6.67 5.47
C SER A 3 21.37 -5.59 4.41
N ILE A 4 22.61 -5.32 4.04
CA ILE A 4 22.91 -4.31 3.03
C ILE A 4 22.84 -4.92 1.64
N ILE A 5 21.93 -4.40 0.82
CA ILE A 5 21.74 -4.89 -0.55
C ILE A 5 22.08 -3.81 -1.56
N LYS A 6 23.11 -4.04 -2.37
CA LYS A 6 23.52 -3.06 -3.39
C LYS A 6 23.24 -3.51 -4.82
N THR A 7 23.10 -4.82 -5.03
CA THR A 7 22.81 -5.35 -6.37
C THR A 7 21.78 -6.47 -6.26
N ALA A 8 21.17 -6.82 -7.39
CA ALA A 8 20.19 -7.91 -7.41
C ALA A 8 20.94 -9.20 -7.06
N THR A 9 20.26 -10.15 -6.42
CA THR A 9 20.92 -11.40 -6.04
C THR A 9 21.40 -12.27 -7.21
N ASP A 10 22.52 -12.94 -7.01
CA ASP A 10 23.10 -13.81 -8.02
C ASP A 10 22.32 -15.13 -8.07
N THR A 11 22.52 -15.87 -9.15
CA THR A 11 21.87 -17.17 -9.31
C THR A 11 22.97 -18.22 -9.25
N VAL A 12 22.68 -19.35 -8.60
CA VAL A 12 23.64 -20.43 -8.48
C VAL A 12 23.15 -21.58 -9.36
N LYS A 13 24.07 -22.29 -10.01
CA LYS A 13 23.68 -23.41 -10.87
C LYS A 13 23.00 -24.47 -10.02
N SER A 14 22.05 -25.19 -10.59
CA SER A 14 21.35 -26.23 -9.85
C SER A 14 21.27 -27.51 -10.67
N GLU A 15 21.16 -28.63 -9.96
CA GLU A 15 21.10 -29.94 -10.59
C GLU A 15 19.70 -30.55 -10.54
N ILE A 16 19.61 -31.78 -11.01
CA ILE A 16 18.35 -32.53 -11.00
C ILE A 16 17.99 -32.84 -9.55
N ASN A 17 16.70 -32.84 -9.25
CA ASN A 17 16.21 -33.13 -7.90
C ASN A 17 15.17 -34.23 -7.95
N ALA A 18 15.27 -35.16 -7.01
CA ALA A 18 14.33 -36.26 -6.89
C ALA A 18 14.40 -36.72 -5.44
N GLU A 19 14.00 -35.83 -4.53
CA GLU A 19 14.08 -36.14 -3.11
C GLU A 19 12.72 -36.27 -2.44
N LEU A 20 12.51 -37.39 -1.76
CA LEU A 20 11.27 -37.63 -1.03
C LEU A 20 11.23 -36.71 0.17
N GLY A 21 10.03 -36.19 0.48
CA GLY A 21 9.89 -35.31 1.62
C GLY A 21 10.29 -33.88 1.39
N VAL A 22 10.81 -33.59 0.20
CA VAL A 22 11.23 -32.24 -0.16
C VAL A 22 10.43 -31.75 -1.36
N VAL A 23 9.61 -30.72 -1.14
CA VAL A 23 8.78 -30.15 -2.19
C VAL A 23 8.82 -28.63 -2.13
N PRO A 24 9.94 -28.03 -2.55
CA PRO A 24 10.09 -26.57 -2.52
C PRO A 24 9.05 -25.78 -3.31
N SER A 25 8.47 -26.37 -4.34
CA SER A 25 7.48 -25.65 -5.14
C SER A 25 6.09 -25.59 -4.50
N LEU A 26 5.85 -26.38 -3.46
CA LEU A 26 4.56 -26.35 -2.77
C LEU A 26 4.64 -25.34 -1.63
N ASN A 27 3.56 -24.60 -1.42
CA ASN A 27 3.52 -23.59 -0.38
C ASN A 27 2.12 -23.54 0.24
N ALA A 28 1.97 -22.70 1.25
CA ALA A 28 0.66 -22.53 1.90
C ALA A 28 0.40 -21.03 2.03
N VAL A 29 -0.31 -20.49 1.05
CA VAL A 29 -0.65 -19.07 1.03
C VAL A 29 -1.40 -18.63 2.30
N GLU A 30 -2.11 -19.56 2.93
CA GLU A 30 -2.87 -19.25 4.13
C GLU A 30 -2.06 -18.66 5.29
N THR A 31 -0.76 -18.98 5.35
CA THR A 31 0.07 -18.46 6.44
C THR A 31 0.29 -16.96 6.35
N GLY A 32 0.05 -16.41 5.17
CA GLY A 32 0.25 -14.97 4.97
C GLY A 32 1.65 -14.68 4.43
N ALA A 33 2.50 -15.69 4.39
CA ALA A 33 3.86 -15.51 3.86
C ALA A 33 3.88 -15.68 2.35
N THR A 34 4.76 -14.96 1.68
CA THR A 34 4.89 -15.07 0.23
C THR A 34 5.72 -16.31 -0.05
N SER A 35 5.47 -16.95 -1.19
CA SER A 35 6.20 -18.16 -1.58
C SER A 35 7.71 -17.98 -1.44
N ASN A 36 8.39 -18.99 -0.90
CA ASN A 36 9.85 -18.89 -0.76
C ASN A 36 10.56 -19.81 -1.75
N THR A 37 9.84 -20.24 -2.78
CA THR A 37 10.42 -21.10 -3.81
C THR A 37 11.47 -20.31 -4.59
N GLU A 38 12.68 -20.84 -4.67
CA GLU A 38 13.76 -20.19 -5.40
C GLU A 38 13.84 -20.73 -6.83
N PRO A 39 14.31 -19.89 -7.77
CA PRO A 39 14.43 -20.34 -9.16
C PRO A 39 15.22 -21.65 -9.23
N GLU A 40 16.30 -21.73 -8.45
CA GLU A 40 17.15 -22.90 -8.42
C GLU A 40 16.42 -24.19 -8.05
N GLU A 41 15.30 -24.06 -7.33
CA GLU A 41 14.50 -25.21 -6.91
C GLU A 41 13.37 -25.54 -7.87
N ALA A 42 13.02 -24.58 -8.73
CA ALA A 42 11.93 -24.77 -9.68
C ALA A 42 12.40 -25.35 -11.01
N ILE A 43 13.60 -24.94 -11.42
CA ILE A 43 14.17 -25.39 -12.68
C ILE A 43 15.67 -25.55 -12.50
N GLN A 44 16.34 -26.08 -13.51
CA GLN A 44 17.78 -26.19 -13.45
C GLN A 44 18.32 -24.85 -13.93
N THR A 45 19.13 -24.21 -13.10
CA THR A 45 19.69 -22.90 -13.41
C THR A 45 21.19 -22.98 -13.65
N ARG A 46 21.73 -21.88 -14.20
CA ARG A 46 23.16 -21.78 -14.43
C ARG A 46 23.62 -20.76 -13.39
N THR A 47 24.93 -20.54 -13.30
CA THR A 47 25.43 -19.54 -12.37
C THR A 47 25.42 -18.20 -13.08
N VAL A 48 24.92 -17.17 -12.40
CA VAL A 48 24.89 -15.83 -12.97
C VAL A 48 25.33 -14.83 -11.90
N ILE A 49 26.39 -14.08 -12.20
CA ILE A 49 26.86 -13.06 -11.26
C ILE A 49 26.11 -11.81 -11.67
N ASN A 50 25.07 -11.47 -10.91
CA ASN A 50 24.22 -10.32 -11.23
C ASN A 50 24.78 -8.99 -10.72
N GLN A 51 25.07 -8.09 -11.65
CA GLN A 51 25.61 -6.78 -11.31
C GLN A 51 24.59 -5.66 -11.39
N HIS A 52 23.32 -6.00 -11.59
CA HIS A 52 22.28 -4.98 -11.69
C HIS A 52 22.10 -4.23 -10.37
N GLY A 53 22.15 -2.90 -10.45
CA GLY A 53 21.99 -2.07 -9.26
C GLY A 53 20.56 -1.91 -8.80
N VAL A 54 20.39 -1.52 -7.53
CA VAL A 54 19.07 -1.35 -6.97
C VAL A 54 18.88 0.04 -6.37
N SER A 55 19.79 0.96 -6.68
CA SER A 55 19.69 2.29 -6.10
C SER A 55 18.55 3.17 -6.61
N GLU A 56 18.10 2.97 -7.85
CA GLU A 56 17.03 3.83 -8.34
C GLU A 56 15.68 3.59 -7.65
N THR A 57 15.56 2.48 -6.93
CA THR A 57 14.33 2.16 -6.22
C THR A 57 14.42 2.49 -4.71
N LEU A 58 15.52 3.12 -4.30
CA LEU A 58 15.64 3.53 -2.90
C LEU A 58 14.48 4.49 -2.65
N VAL A 59 13.85 4.40 -1.49
CA VAL A 59 12.73 5.28 -1.19
C VAL A 59 13.13 6.75 -1.35
N GLU A 60 14.34 7.10 -0.95
CA GLU A 60 14.83 8.47 -1.05
C GLU A 60 14.76 8.93 -2.50
N ASN A 61 15.07 8.05 -3.44
CA ASN A 61 15.02 8.45 -4.85
C ASN A 61 13.62 8.38 -5.42
N PHE A 62 12.87 7.35 -5.03
CA PHE A 62 11.50 7.17 -5.51
C PHE A 62 10.65 8.40 -5.21
N LEU A 63 10.74 8.91 -3.98
CA LEU A 63 9.97 10.08 -3.58
C LEU A 63 10.75 11.39 -3.74
N GLY A 64 12.07 11.27 -3.92
CA GLY A 64 12.92 12.45 -4.04
C GLY A 64 12.88 13.18 -5.37
N ARG A 65 11.72 13.76 -5.68
CA ARG A 65 11.54 14.51 -6.91
C ARG A 65 10.64 15.71 -6.66
N ALA A 66 10.97 16.84 -7.27
CA ALA A 66 10.16 18.03 -7.08
C ALA A 66 8.88 17.88 -7.88
N ALA A 67 7.74 17.85 -7.19
CA ALA A 67 6.47 17.69 -7.86
C ALA A 67 5.55 18.88 -7.60
N LEU A 68 4.72 19.22 -8.58
CA LEU A 68 3.79 20.34 -8.43
C LEU A 68 2.79 20.08 -7.32
N VAL A 69 2.67 21.01 -6.37
CA VAL A 69 1.72 20.85 -5.27
C VAL A 69 0.72 21.98 -5.22
N SER A 70 1.02 23.08 -5.92
CA SER A 70 0.13 24.24 -5.95
C SER A 70 0.31 25.06 -7.21
N LYS A 71 -0.80 25.51 -7.79
CA LYS A 71 -0.76 26.33 -8.99
C LYS A 71 -1.89 27.36 -8.85
N LYS A 72 -1.54 28.63 -8.89
CA LYS A 72 -2.55 29.67 -8.74
C LYS A 72 -2.32 30.89 -9.62
N SER A 73 -3.35 31.21 -10.40
CA SER A 73 -3.31 32.38 -11.28
C SER A 73 -4.21 33.44 -10.67
N PHE A 74 -3.79 34.70 -10.76
CA PHE A 74 -4.60 35.80 -10.25
C PHE A 74 -4.27 37.04 -11.06
N GLU A 75 -5.18 38.02 -11.04
CA GLU A 75 -4.98 39.25 -11.78
C GLU A 75 -4.22 40.29 -10.98
N TYR A 76 -3.18 40.84 -11.59
CA TYR A 76 -2.37 41.89 -10.97
C TYR A 76 -2.81 43.19 -11.65
N LYS A 77 -3.58 43.99 -10.94
CA LYS A 77 -4.08 45.25 -11.49
C LYS A 77 -4.70 46.11 -10.40
N ASN A 78 -5.30 47.23 -10.81
CA ASN A 78 -5.97 48.13 -9.88
C ASN A 78 -7.33 47.51 -9.57
N HIS A 79 -7.51 47.01 -8.35
CA HIS A 79 -8.76 46.38 -7.95
C HIS A 79 -9.69 47.36 -7.24
N HIS A 87 -8.97 37.47 -6.11
CA HIS A 87 -7.70 37.69 -5.42
C HIS A 87 -7.07 39.02 -5.86
N LYS A 88 -7.17 40.01 -4.97
CA LYS A 88 -6.65 41.34 -5.25
C LYS A 88 -5.14 41.54 -5.05
N ASN A 89 -4.38 41.10 -6.04
CA ASN A 89 -2.92 41.23 -6.02
C ASN A 89 -2.20 40.37 -4.99
N PHE A 90 -2.90 39.37 -4.46
CA PHE A 90 -2.29 38.46 -3.49
C PHE A 90 -3.24 37.30 -3.25
N PHE A 91 -2.73 36.22 -2.69
CA PHE A 91 -3.57 35.08 -2.38
C PHE A 91 -3.04 34.34 -1.17
N LYS A 92 -3.88 33.49 -0.60
CA LYS A 92 -3.55 32.70 0.57
C LYS A 92 -3.86 31.25 0.20
N TRP A 93 -2.93 30.35 0.47
CA TRP A 93 -3.14 28.94 0.18
C TRP A 93 -2.95 28.07 1.42
N THR A 94 -4.01 27.39 1.84
CA THR A 94 -3.91 26.49 2.99
C THR A 94 -3.16 25.29 2.44
N ILE A 95 -1.92 25.14 2.89
CA ILE A 95 -1.04 24.07 2.42
C ILE A 95 -1.58 22.65 2.56
N ASN A 96 -1.41 21.86 1.51
CA ASN A 96 -1.84 20.45 1.48
C ASN A 96 -1.14 19.79 0.30
N THR A 97 -0.97 18.47 0.37
CA THR A 97 -0.30 17.72 -0.68
C THR A 97 -1.28 16.77 -1.37
N LYS A 98 -2.55 17.12 -1.36
CA LYS A 98 -3.59 16.27 -1.94
C LYS A 98 -4.28 16.79 -3.20
N SER A 99 -3.85 17.95 -3.72
CA SER A 99 -4.49 18.54 -4.89
C SER A 99 -4.03 18.02 -6.25
N PHE A 100 -2.77 17.59 -6.36
CA PHE A 100 -2.28 17.08 -7.63
C PHE A 100 -2.03 15.59 -7.50
N VAL A 101 -2.71 14.82 -8.34
CA VAL A 101 -2.69 13.37 -8.28
C VAL A 101 -1.39 12.58 -8.46
N GLN A 102 -0.43 13.09 -9.22
CA GLN A 102 0.79 12.32 -9.39
C GLN A 102 1.54 12.23 -8.06
N LEU A 103 1.73 13.36 -7.40
CA LEU A 103 2.43 13.36 -6.11
C LEU A 103 1.60 12.63 -5.07
N ARG A 104 0.30 12.93 -5.03
CA ARG A 104 -0.58 12.31 -4.05
C ARG A 104 -0.55 10.80 -4.08
N ARG A 105 -0.69 10.21 -5.26
CA ARG A 105 -0.69 8.75 -5.36
C ARG A 105 0.60 8.14 -4.85
N LYS A 106 1.74 8.76 -5.14
CA LYS A 106 3.02 8.23 -4.67
C LYS A 106 3.14 8.32 -3.15
N LEU A 107 2.79 9.47 -2.58
CA LEU A 107 2.87 9.60 -1.13
C LEU A 107 1.94 8.58 -0.46
N GLU A 108 0.79 8.33 -1.08
CA GLU A 108 -0.18 7.40 -0.52
C GLU A 108 0.16 5.92 -0.65
N LEU A 109 1.38 5.63 -1.10
CA LEU A 109 1.83 4.25 -1.20
C LEU A 109 2.39 3.87 0.18
N PHE A 110 2.41 4.85 1.09
CA PHE A 110 2.93 4.65 2.43
C PHE A 110 1.92 5.14 3.47
N THR A 111 2.00 4.57 4.68
CA THR A 111 1.11 4.94 5.76
C THR A 111 1.69 6.13 6.53
N TYR A 112 2.98 6.06 6.84
CA TYR A 112 3.65 7.14 7.57
C TYR A 112 4.90 7.58 6.80
N LEU A 113 5.21 8.87 6.88
CA LEU A 113 6.37 9.43 6.21
C LEU A 113 7.01 10.53 7.02
N ARG A 114 8.33 10.50 7.12
CA ARG A 114 9.07 11.52 7.83
C ARG A 114 10.07 12.08 6.83
N PHE A 115 10.00 13.39 6.60
CA PHE A 115 10.91 14.01 5.65
C PHE A 115 10.94 15.53 5.75
N ASP A 116 12.03 16.11 5.24
CA ASP A 116 12.17 17.55 5.19
C ASP A 116 11.67 17.86 3.78
N ALA A 117 11.22 19.08 3.54
CA ALA A 117 10.68 19.39 2.23
C ALA A 117 11.30 20.61 1.55
N GLU A 118 11.91 20.39 0.39
CA GLU A 118 12.50 21.47 -0.37
C GLU A 118 11.36 22.09 -1.18
N ILE A 119 11.17 23.39 -1.02
CA ILE A 119 10.11 24.11 -1.72
C ILE A 119 10.69 25.03 -2.78
N THR A 120 10.18 24.92 -4.01
CA THR A 120 10.63 25.76 -5.13
C THR A 120 9.41 26.51 -5.66
N ILE A 121 9.56 27.82 -5.84
CA ILE A 121 8.46 28.66 -6.30
C ILE A 121 8.76 29.29 -7.66
N LEU A 122 7.96 28.94 -8.66
CA LEU A 122 8.13 29.41 -10.03
C LEU A 122 7.01 30.38 -10.41
N THR A 123 7.38 31.56 -10.89
CA THR A 123 6.40 32.58 -11.26
C THR A 123 6.45 32.96 -12.74
N THR A 124 5.28 33.12 -13.33
CA THR A 124 5.18 33.49 -14.74
C THR A 124 4.13 34.59 -14.91
N VAL A 125 4.32 35.45 -15.91
CA VAL A 125 3.38 36.54 -16.13
C VAL A 125 2.99 36.72 -17.60
N ALA A 126 1.79 37.27 -17.83
CA ALA A 126 1.28 37.52 -19.16
C ALA A 126 0.43 38.79 -19.15
N VAL A 127 0.58 39.60 -20.19
CA VAL A 127 -0.18 40.85 -20.31
C VAL A 127 -1.61 40.55 -20.73
N ASN A 128 -2.56 41.27 -20.13
CA ASN A 128 -3.97 41.07 -20.49
C ASN A 128 -4.27 41.85 -21.77
N GLY A 137 5.66 44.79 -23.18
CA GLY A 137 6.61 43.91 -22.52
C GLY A 137 6.14 43.42 -21.16
N LEU A 138 6.92 42.51 -20.57
CA LEU A 138 6.60 41.95 -19.26
C LEU A 138 7.41 42.59 -18.12
N PRO A 139 6.72 43.08 -17.08
CA PRO A 139 7.38 43.71 -15.95
C PRO A 139 8.09 42.71 -15.04
N ASP A 140 9.26 43.09 -14.54
CA ASP A 140 10.03 42.23 -13.64
C ASP A 140 9.61 42.54 -12.22
N LEU A 141 8.48 41.97 -11.82
CA LEU A 141 7.90 42.20 -10.50
C LEU A 141 8.60 41.51 -9.33
N THR A 142 8.39 42.07 -8.15
CA THR A 142 8.94 41.51 -6.92
C THR A 142 7.75 40.90 -6.18
N LEU A 143 7.90 39.67 -5.74
CA LEU A 143 6.85 38.98 -5.00
C LEU A 143 7.32 38.64 -3.60
N GLN A 144 6.37 38.43 -2.70
CA GLN A 144 6.68 38.06 -1.33
C GLN A 144 5.85 36.84 -0.98
N ALA A 145 6.51 35.77 -0.53
CA ALA A 145 5.83 34.56 -0.12
C ALA A 145 6.10 34.44 1.38
N MET A 146 5.04 34.58 2.17
CA MET A 146 5.17 34.52 3.62
C MET A 146 4.53 33.25 4.18
N PHE A 147 5.28 32.55 5.03
CA PHE A 147 4.79 31.34 5.66
C PHE A 147 4.06 31.73 6.94
N VAL A 148 2.74 31.53 6.95
CA VAL A 148 1.93 31.87 8.10
C VAL A 148 1.53 30.58 8.82
N PRO A 149 2.20 30.27 9.95
CA PRO A 149 1.93 29.07 10.73
C PRO A 149 0.54 29.09 11.36
N THR A 150 0.07 27.90 11.74
CA THR A 150 -1.23 27.74 12.38
C THR A 150 -1.40 28.73 13.53
N GLY A 151 -2.57 29.34 13.62
CA GLY A 151 -2.82 30.28 14.71
C GLY A 151 -2.36 31.71 14.45
N ALA A 152 -1.56 31.92 13.41
CA ALA A 152 -1.09 33.26 13.09
C ALA A 152 -2.11 33.94 12.17
N LEU A 153 -2.11 35.27 12.16
CA LEU A 153 -3.05 36.03 11.34
C LEU A 153 -2.59 36.10 9.89
N THR A 154 -3.53 35.91 8.96
CA THR A 154 -3.22 35.99 7.53
C THR A 154 -3.57 37.38 7.00
N PRO A 155 -2.81 37.87 5.99
CA PRO A 155 -3.05 39.19 5.41
C PRO A 155 -4.45 39.32 4.81
N LYS A 156 -5.01 40.52 4.88
CA LYS A 156 -6.35 40.77 4.35
C LYS A 156 -6.28 41.66 3.11
N GLU A 157 -5.14 42.34 2.92
CA GLU A 157 -4.95 43.21 1.77
C GLU A 157 -3.50 43.13 1.28
N GLN A 158 -3.29 43.54 0.04
CA GLN A 158 -1.94 43.52 -0.55
C GLN A 158 -0.99 44.36 0.30
N ASP A 159 -1.54 45.31 1.04
CA ASP A 159 -0.72 46.20 1.86
C ASP A 159 -0.93 46.18 3.38
N SER A 160 -1.60 45.17 3.92
CA SER A 160 -1.81 45.17 5.37
C SER A 160 -0.50 45.03 6.15
N PHE A 161 -0.54 45.38 7.43
CA PHE A 161 0.63 45.34 8.31
C PHE A 161 1.22 43.95 8.43
N HIS A 162 0.41 42.93 8.20
CA HIS A 162 0.88 41.55 8.32
C HIS A 162 2.13 41.27 7.51
N TRP A 163 2.25 41.90 6.36
CA TRP A 163 3.40 41.67 5.50
C TRP A 163 4.72 42.14 6.09
N GLN A 164 4.69 42.91 7.18
CA GLN A 164 5.96 43.36 7.76
C GLN A 164 6.75 42.14 8.24
N SER A 165 6.06 41.01 8.36
CA SER A 165 6.69 39.74 8.72
C SER A 165 7.79 39.82 9.78
N GLY A 166 7.45 40.30 10.97
CA GLY A 166 8.43 40.42 12.03
C GLY A 166 8.99 39.09 12.52
N SER A 167 8.17 38.04 12.49
CA SER A 167 8.60 36.73 12.95
C SER A 167 8.41 35.64 11.90
N ASN A 168 7.32 35.74 11.14
CA ASN A 168 7.07 34.77 10.09
C ASN A 168 8.23 34.80 9.10
N ALA A 169 8.50 33.67 8.48
CA ALA A 169 9.55 33.62 7.49
C ALA A 169 8.93 34.11 6.19
N SER A 170 9.60 35.03 5.51
CA SER A 170 9.14 35.54 4.23
C SER A 170 10.30 35.47 3.25
N VAL A 171 9.99 35.27 1.98
CA VAL A 171 11.03 35.25 0.97
C VAL A 171 10.60 36.21 -0.13
N PHE A 172 11.50 37.12 -0.51
CA PHE A 172 11.24 38.09 -1.56
C PHE A 172 12.04 37.67 -2.78
N PHE A 173 11.37 37.60 -3.92
CA PHE A 173 12.02 37.19 -5.15
C PHE A 173 11.46 37.91 -6.36
N LYS A 174 12.25 37.98 -7.43
CA LYS A 174 11.87 38.65 -8.66
C LYS A 174 11.56 37.61 -9.73
N ILE A 175 10.70 37.99 -10.67
CA ILE A 175 10.34 37.11 -11.75
C ILE A 175 11.53 36.82 -12.65
N SER A 176 12.50 37.75 -12.68
CA SER A 176 13.68 37.57 -13.52
C SER A 176 14.75 36.67 -12.88
N ASP A 177 14.61 36.38 -11.59
CA ASP A 177 15.56 35.51 -10.90
C ASP A 177 15.16 34.06 -11.06
N PRO A 178 16.09 33.14 -10.73
CA PRO A 178 15.73 31.72 -10.84
C PRO A 178 14.61 31.51 -9.81
N PRO A 179 13.87 30.40 -9.91
CA PRO A 179 12.79 30.16 -8.95
C PRO A 179 13.32 30.23 -7.52
N ALA A 180 12.52 30.79 -6.61
CA ALA A 180 12.92 30.88 -5.21
C ALA A 180 12.95 29.46 -4.64
N ARG A 181 13.78 29.24 -3.63
CA ARG A 181 13.89 27.91 -3.02
C ARG A 181 14.35 27.95 -1.58
N MET A 182 13.74 27.08 -0.77
CA MET A 182 14.07 26.97 0.65
C MET A 182 13.58 25.61 1.13
N THR A 183 14.11 25.17 2.27
CA THR A 183 13.71 23.89 2.83
C THR A 183 12.89 24.05 4.11
N ILE A 184 11.74 23.38 4.16
CA ILE A 184 10.90 23.38 5.34
C ILE A 184 11.29 22.10 6.07
N PRO A 185 11.63 22.19 7.36
CA PRO A 185 12.00 20.96 8.07
C PRO A 185 10.81 20.05 8.34
N PHE A 186 11.10 18.81 8.74
CA PHE A 186 10.04 17.89 9.11
C PHE A 186 9.44 18.61 10.32
N MET A 187 8.21 19.08 10.21
CA MET A 187 7.63 19.85 11.31
C MET A 187 6.41 19.29 12.03
N CYS A 188 6.14 18.01 11.86
CA CYS A 188 4.99 17.40 12.52
C CYS A 188 5.21 17.35 14.04
N ILE A 189 4.12 17.40 14.80
CA ILE A 189 4.25 17.32 16.25
C ILE A 189 4.46 15.87 16.68
N ASN A 190 4.39 14.96 15.70
CA ASN A 190 4.63 13.53 15.95
C ASN A 190 5.96 13.14 15.29
N SER A 191 6.35 11.87 15.40
CA SER A 191 7.61 11.41 14.83
C SER A 191 7.55 11.21 13.31
N ALA A 192 6.36 11.28 12.75
CA ALA A 192 6.18 11.13 11.30
C ALA A 192 4.82 11.67 10.90
N TYR A 193 4.68 12.06 9.63
CA TYR A 193 3.42 12.56 9.12
C TYR A 193 2.50 11.35 8.91
N SER A 194 1.20 11.55 9.11
CA SER A 194 0.24 10.48 8.90
C SER A 194 -0.34 10.70 7.51
N VAL A 195 0.10 9.90 6.53
CA VAL A 195 -0.41 10.04 5.17
C VAL A 195 -1.91 9.72 5.17
N PHE A 196 -2.29 8.75 6.00
CA PHE A 196 -3.68 8.35 6.16
C PHE A 196 -3.98 8.44 7.65
N TYR A 197 -5.21 8.80 8.00
CA TYR A 197 -5.58 8.95 9.41
C TYR A 197 -7.00 8.45 9.65
N ASP A 198 -7.12 7.29 10.28
CA ASP A 198 -8.44 6.71 10.56
C ASP A 198 -8.96 7.26 11.88
N GLY A 199 -9.27 8.56 11.88
CA GLY A 199 -9.77 9.19 13.09
C GLY A 199 -10.35 10.56 12.83
N PHE A 200 -10.79 11.22 13.91
CA PHE A 200 -11.38 12.56 13.82
C PHE A 200 -10.48 13.59 14.50
N ALA A 201 -10.45 14.78 13.91
CA ALA A 201 -9.61 15.87 14.40
C ALA A 201 -10.04 16.57 15.69
N GLY A 202 -11.20 16.24 16.24
CA GLY A 202 -11.64 16.92 17.45
C GLY A 202 -12.26 16.06 18.52
N PHE A 203 -12.46 16.64 19.70
CA PHE A 203 -13.04 15.93 20.83
C PHE A 203 -14.55 15.79 20.74
N GLU A 204 -15.19 16.55 19.86
CA GLU A 204 -16.63 16.40 19.70
C GLU A 204 -16.85 15.41 18.55
N LYS A 205 -18.10 15.15 18.18
CA LYS A 205 -18.38 14.19 17.11
C LYS A 205 -18.55 14.77 15.71
N ASN A 206 -18.56 16.10 15.59
CA ASN A 206 -18.75 16.73 14.28
C ASN A 206 -17.46 17.08 13.55
N GLY A 207 -16.32 16.72 14.15
CA GLY A 207 -15.05 17.02 13.51
C GLY A 207 -14.86 16.37 12.14
N LEU A 208 -13.81 16.79 11.44
CA LEU A 208 -13.51 16.24 10.13
C LEU A 208 -12.84 14.87 10.27
N TYR A 209 -13.26 13.93 9.44
CA TYR A 209 -12.70 12.58 9.45
C TYR A 209 -11.55 12.50 8.45
N GLY A 210 -10.52 11.73 8.80
CA GLY A 210 -9.39 11.54 7.89
C GLY A 210 -8.37 12.66 7.81
N ILE A 211 -8.44 13.62 8.72
CA ILE A 211 -7.50 14.72 8.72
C ILE A 211 -6.84 14.84 10.08
N ASN A 212 -5.58 14.45 10.17
CA ASN A 212 -4.85 14.52 11.44
C ASN A 212 -4.40 15.96 11.66
N PRO A 213 -4.83 16.58 12.77
CA PRO A 213 -4.45 17.96 13.09
C PRO A 213 -2.93 18.10 13.17
N ALA A 214 -2.29 17.05 13.67
CA ALA A 214 -0.85 17.04 13.83
C ALA A 214 -0.08 17.39 12.55
N ASP A 215 -0.66 17.07 11.40
CA ASP A 215 0.01 17.33 10.12
C ASP A 215 -0.39 18.68 9.52
N THR A 216 -0.89 19.59 10.35
CA THR A 216 -1.29 20.91 9.89
C THR A 216 -0.05 21.80 9.75
N ILE A 217 0.23 22.26 8.53
CA ILE A 217 1.38 23.11 8.28
C ILE A 217 1.01 24.58 8.49
N GLY A 218 0.07 25.06 7.69
CA GLY A 218 -0.38 26.43 7.80
C GLY A 218 -0.78 27.02 6.45
N ASN A 219 -0.49 28.30 6.27
CA ASN A 219 -0.82 28.98 5.02
C ASN A 219 0.38 29.62 4.35
N LEU A 220 0.36 29.60 3.02
CA LEU A 220 1.40 30.23 2.23
C LEU A 220 0.72 31.46 1.63
N CYS A 221 1.17 32.64 2.04
CA CYS A 221 0.57 33.88 1.54
C CYS A 221 1.53 34.54 0.56
N VAL A 222 1.05 34.76 -0.66
CA VAL A 222 1.86 35.36 -1.71
C VAL A 222 1.25 36.63 -2.28
N ARG A 223 2.05 37.68 -2.37
CA ARG A 223 1.56 38.94 -2.92
C ARG A 223 2.59 39.50 -3.89
N ILE A 224 2.12 40.41 -4.72
CA ILE A 224 3.00 41.12 -5.61
C ILE A 224 3.32 42.33 -4.74
N VAL A 225 4.60 42.66 -4.58
CA VAL A 225 4.99 43.79 -3.75
C VAL A 225 4.73 45.12 -4.45
N ASN A 226 5.03 45.18 -5.75
CA ASN A 226 4.83 46.39 -6.56
C ASN A 226 3.38 46.87 -6.52
N GLU A 227 3.18 48.18 -6.56
CA GLU A 227 1.82 48.71 -6.62
C GLU A 227 1.38 48.37 -8.05
N HIS A 228 0.07 48.40 -8.31
CA HIS A 228 -0.43 48.07 -9.64
C HIS A 228 0.10 48.98 -10.74
N GLN A 229 0.13 48.48 -11.96
CA GLN A 229 0.58 49.25 -13.12
C GLN A 229 -0.67 49.81 -13.80
N PRO A 230 -0.51 50.63 -14.85
CA PRO A 230 -1.65 51.20 -15.57
C PRO A 230 -2.50 50.15 -16.28
N VAL A 231 -1.90 48.99 -16.55
CA VAL A 231 -2.61 47.90 -17.22
C VAL A 231 -2.59 46.65 -16.35
N GLY A 232 -3.47 45.70 -16.66
CA GLY A 232 -3.53 44.48 -15.88
C GLY A 232 -2.71 43.32 -16.44
N PHE A 233 -2.28 42.43 -15.54
CA PHE A 233 -1.50 41.27 -15.93
C PHE A 233 -2.05 40.04 -15.22
N THR A 234 -1.77 38.88 -15.77
CA THR A 234 -2.18 37.63 -15.15
C THR A 234 -0.87 37.05 -14.63
N VAL A 235 -0.83 36.77 -13.33
CA VAL A 235 0.37 36.21 -12.72
C VAL A 235 0.04 34.80 -12.23
N THR A 236 0.91 33.85 -12.54
CA THR A 236 0.70 32.47 -12.10
C THR A 236 1.86 32.03 -11.24
N VAL A 237 1.55 31.49 -10.07
CA VAL A 237 2.56 31.01 -9.15
C VAL A 237 2.42 29.50 -9.02
N ARG A 238 3.52 28.79 -9.25
CA ARG A 238 3.54 27.35 -9.14
C ARG A 238 4.50 26.97 -8.02
N VAL A 239 4.06 26.10 -7.12
CA VAL A 239 4.89 25.66 -6.02
C VAL A 239 5.19 24.17 -6.16
N TYR A 240 6.47 23.83 -6.04
CA TYR A 240 6.90 22.45 -6.14
C TYR A 240 7.49 22.00 -4.80
N MET A 241 7.29 20.73 -4.48
CA MET A 241 7.81 20.19 -3.23
C MET A 241 8.61 18.92 -3.50
N LYS A 242 9.77 18.83 -2.87
CA LYS A 242 10.59 17.64 -3.01
C LYS A 242 11.01 17.12 -1.66
N PRO A 243 10.48 15.95 -1.26
CA PRO A 243 10.86 15.40 0.05
C PRO A 243 12.29 14.85 0.03
N LYS A 244 12.99 14.97 1.15
CA LYS A 244 14.36 14.47 1.28
C LYS A 244 14.61 14.02 2.73
N HIS A 245 15.66 13.24 2.95
CA HIS A 245 15.98 12.72 4.28
C HIS A 245 14.74 11.94 4.70
N ILE A 246 14.28 11.08 3.79
CA ILE A 246 13.06 10.32 3.97
C ILE A 246 13.14 8.99 4.69
N LYS A 247 12.11 8.75 5.51
CA LYS A 247 11.93 7.50 6.23
C LYS A 247 10.46 7.19 5.96
N ALA A 248 10.17 5.94 5.60
CA ALA A 248 8.81 5.53 5.27
C ALA A 248 8.43 4.23 5.94
N TRP A 249 7.15 4.10 6.30
CA TRP A 249 6.64 2.92 6.98
C TRP A 249 5.32 2.40 6.42
N ALA A 250 5.17 1.08 6.49
CA ALA A 250 3.97 0.37 6.08
C ALA A 250 3.38 0.69 4.72
N PRO A 251 3.95 0.10 3.65
CA PRO A 251 3.45 0.33 2.29
C PRO A 251 1.97 -0.05 2.15
N ARG A 252 1.29 0.54 1.17
CA ARG A 252 -0.14 0.31 0.99
C ARG A 252 -0.57 0.02 -0.46
N PRO A 253 -1.81 -0.49 -0.63
CA PRO A 253 -2.35 -0.78 -1.95
C PRO A 253 -2.44 0.55 -2.72
N PRO A 254 -1.96 0.57 -3.97
CA PRO A 254 -2.00 1.80 -4.78
C PRO A 254 -3.43 2.22 -5.13
N ARG A 255 -3.64 3.53 -5.26
CA ARG A 255 -4.96 4.06 -5.63
C ARG A 255 -5.30 3.58 -7.04
N THR A 256 -6.55 3.16 -7.24
CA THR A 256 -6.99 2.71 -8.56
C THR A 256 -8.09 3.60 -9.11
N MET A 257 -9.06 3.93 -8.26
CA MET A 257 -10.18 4.79 -8.67
C MET A 257 -9.71 6.25 -8.74
N PRO A 258 -10.25 7.02 -9.69
CA PRO A 258 -9.84 8.43 -9.79
C PRO A 258 -10.14 9.14 -8.46
N TYR A 259 -9.33 10.13 -8.12
CA TYR A 259 -9.56 10.89 -6.89
C TYR A 259 -10.77 11.80 -7.11
N MET A 260 -11.51 12.09 -6.04
CA MET A 260 -12.68 12.94 -6.14
C MET A 260 -12.52 14.24 -5.35
N SER A 261 -11.90 14.14 -4.17
CA SER A 261 -11.73 15.28 -3.30
C SER A 261 -10.36 15.30 -2.61
N ILE A 262 -9.92 16.49 -2.20
CA ILE A 262 -8.64 16.60 -1.51
C ILE A 262 -8.82 16.29 -0.03
N ALA A 263 -10.08 16.26 0.41
CA ALA A 263 -10.38 16.02 1.83
C ALA A 263 -10.68 14.58 2.22
N ASN A 264 -10.73 13.67 1.25
CA ASN A 264 -11.05 12.28 1.57
C ASN A 264 -10.66 11.30 0.48
N ALA A 265 -10.91 10.02 0.75
CA ALA A 265 -10.58 8.96 -0.20
C ALA A 265 -11.82 8.50 -0.96
N ASN A 266 -12.85 9.33 -1.01
CA ASN A 266 -14.09 8.99 -1.71
C ASN A 266 -13.78 8.52 -3.13
N TYR A 267 -14.60 7.61 -3.63
CA TYR A 267 -14.38 7.05 -4.96
C TYR A 267 -15.66 6.84 -5.74
N LYS A 268 -15.52 6.76 -7.06
CA LYS A 268 -16.64 6.58 -7.97
C LYS A 268 -16.25 5.63 -9.09
N GLY A 269 -15.02 5.80 -9.59
CA GLY A 269 -14.53 4.97 -10.68
C GLY A 269 -14.83 5.62 -12.02
N ARG A 270 -14.07 5.25 -13.05
CA ARG A 270 -14.27 5.78 -14.40
C ARG A 270 -15.62 5.26 -14.91
N ASP A 271 -16.15 5.89 -15.95
CA ASP A 271 -17.43 5.46 -16.51
C ASP A 271 -17.33 4.09 -17.18
N THR A 272 -16.18 3.82 -17.79
CA THR A 272 -15.94 2.53 -18.44
C THR A 272 -14.52 2.08 -18.12
N ALA A 273 -14.31 0.78 -18.07
CA ALA A 273 -12.99 0.24 -17.78
C ALA A 273 -11.98 0.88 -18.74
N PRO A 274 -10.70 0.95 -18.33
CA PRO A 274 -10.16 0.47 -17.06
C PRO A 274 -10.45 1.38 -15.87
N ASN A 275 -10.19 0.87 -14.69
CA ASN A 275 -10.37 1.61 -13.46
C ASN A 275 -11.80 2.06 -13.18
N THR A 276 -12.75 1.17 -13.46
CA THR A 276 -14.14 1.44 -13.20
C THR A 276 -14.38 0.67 -11.87
N LEU A 277 -15.34 1.11 -11.07
CA LEU A 277 -15.59 0.47 -9.78
C LEU A 277 -15.89 -1.02 -9.88
N ASN A 278 -16.46 -1.40 -11.01
CA ASN A 278 -16.84 -2.78 -11.28
C ASN A 278 -15.72 -3.61 -11.92
N ALA A 279 -14.73 -2.93 -12.51
CA ALA A 279 -13.63 -3.63 -13.17
C ALA A 279 -12.42 -2.71 -13.30
N ILE A 280 -11.36 -3.06 -12.59
CA ILE A 280 -10.14 -2.27 -12.62
C ILE A 280 -9.38 -2.51 -13.93
N ILE A 281 -9.23 -3.79 -14.31
CA ILE A 281 -8.52 -4.12 -15.54
C ILE A 281 -9.52 -4.19 -16.71
N GLY A 282 -9.09 -3.75 -17.89
CA GLY A 282 -9.96 -3.81 -19.05
C GLY A 282 -10.27 -5.25 -19.40
N ASN A 283 -11.45 -5.49 -19.98
CA ASN A 283 -11.87 -6.84 -20.34
C ASN A 283 -11.20 -7.41 -21.59
N ARG A 284 -11.14 -8.74 -21.62
CA ARG A 284 -10.64 -9.49 -22.76
C ARG A 284 -11.82 -10.42 -23.02
N ALA A 285 -11.91 -10.99 -24.21
CA ALA A 285 -13.04 -11.86 -24.55
C ALA A 285 -13.30 -13.03 -23.61
N SER A 286 -12.25 -13.68 -23.13
CA SER A 286 -12.41 -14.82 -22.22
C SER A 286 -11.10 -15.13 -21.51
N VAL A 287 -11.13 -16.02 -20.52
CA VAL A 287 -9.91 -16.37 -19.79
C VAL A 287 -8.94 -17.21 -20.62
N THR A 288 -9.32 -17.55 -21.85
CA THR A 288 -8.44 -18.30 -22.74
C THR A 288 -8.09 -17.46 -23.96
N THR A 289 -8.44 -16.18 -23.91
CA THR A 289 -8.14 -15.26 -25.01
C THR A 289 -6.84 -14.50 -24.71
N MET A 290 -5.88 -14.60 -25.61
CA MET A 290 -4.60 -13.91 -25.45
C MET A 290 -4.64 -12.63 -26.30
N PRO A 291 -4.81 -11.47 -25.64
CA PRO A 291 -4.89 -10.12 -26.23
C PRO A 291 -3.93 -9.68 -27.33
N HIS A 292 -2.63 -9.80 -27.09
CA HIS A 292 -1.68 -9.36 -28.11
C HIS A 292 -0.88 -10.55 -28.62
N ASN A 293 -1.62 -11.62 -28.93
CA ASN A 293 -1.04 -12.86 -29.40
C ASN A 293 -0.21 -12.63 -30.66
N ILE A 294 0.97 -13.26 -30.70
CA ILE A 294 1.85 -13.15 -31.85
C ILE A 294 1.35 -14.04 -32.96
N VAL A 295 1.03 -13.43 -34.10
CA VAL A 295 0.53 -14.17 -35.26
C VAL A 295 1.64 -14.25 -36.30
N THR A 296 2.10 -15.45 -36.61
CA THR A 296 3.16 -15.61 -37.60
C THR A 296 2.66 -16.31 -38.86
N SER B 10 2.49 -29.73 13.51
CA SER B 10 3.34 -28.95 14.46
C SER B 10 3.00 -27.46 14.37
N ASP B 11 2.86 -26.95 13.15
CA ASP B 11 2.47 -25.54 13.01
C ASP B 11 0.99 -25.48 12.65
N ARG B 12 0.28 -26.59 12.89
CA ARG B 12 -1.15 -26.66 12.62
C ARG B 12 -1.96 -26.58 13.90
N VAL B 13 -1.32 -26.83 15.04
CA VAL B 13 -2.00 -26.74 16.33
C VAL B 13 -1.38 -25.58 17.10
N LEU B 14 -2.21 -24.88 17.87
CA LEU B 14 -1.74 -23.72 18.60
C LEU B 14 -2.63 -23.39 19.79
N GLN B 15 -2.00 -22.96 20.88
CA GLN B 15 -2.76 -22.54 22.06
C GLN B 15 -2.25 -21.15 22.44
N LEU B 16 -3.20 -20.24 22.63
CA LEU B 16 -2.90 -18.87 23.01
C LEU B 16 -3.46 -18.70 24.43
N LYS B 17 -2.64 -18.21 25.35
CA LYS B 17 -3.10 -18.01 26.72
C LYS B 17 -2.71 -16.64 27.24
N LEU B 18 -3.70 -15.86 27.65
CA LEU B 18 -3.46 -14.52 28.20
C LEU B 18 -4.45 -14.27 29.33
N GLY B 19 -3.94 -13.87 30.49
CA GLY B 19 -4.82 -13.61 31.61
C GLY B 19 -5.57 -14.88 31.98
N ASN B 20 -6.88 -14.77 32.19
CA ASN B 20 -7.70 -15.93 32.55
C ASN B 20 -8.33 -16.57 31.31
N SER B 21 -7.79 -16.25 30.13
CA SER B 21 -8.34 -16.78 28.88
C SER B 21 -7.35 -17.59 28.05
N ALA B 22 -7.87 -18.58 27.34
CA ALA B 22 -7.05 -19.42 26.48
C ALA B 22 -7.86 -19.88 25.27
N ILE B 23 -7.17 -20.12 24.16
CA ILE B 23 -7.80 -20.56 22.94
C ILE B 23 -6.90 -21.60 22.26
N VAL B 24 -7.50 -22.65 21.73
CA VAL B 24 -6.72 -23.65 21.01
C VAL B 24 -7.35 -23.83 19.64
N THR B 25 -6.53 -24.21 18.67
CA THR B 25 -7.01 -24.50 17.34
C THR B 25 -6.21 -25.70 16.88
N GLN B 26 -6.84 -26.61 16.16
CA GLN B 26 -6.16 -27.81 15.68
C GLN B 26 -5.94 -27.73 14.17
N GLU B 27 -6.34 -26.60 13.59
CA GLU B 27 -6.19 -26.37 12.15
C GLU B 27 -5.74 -24.93 11.90
N ALA B 28 -4.54 -24.61 12.36
CA ALA B 28 -3.98 -23.28 12.17
C ALA B 28 -3.03 -23.31 10.97
N ALA B 29 -2.53 -22.14 10.60
CA ALA B 29 -1.57 -22.03 9.51
C ALA B 29 -0.45 -21.16 10.04
N ASN B 30 0.29 -21.66 11.04
CA ASN B 30 1.37 -20.90 11.67
C ASN B 30 0.63 -19.66 12.20
N TYR B 31 1.32 -18.55 12.35
CA TYR B 31 0.65 -17.31 12.74
C TYR B 31 1.52 -16.12 12.39
N CYS B 32 0.86 -15.00 12.11
CA CYS B 32 1.52 -13.78 11.70
C CYS B 32 1.86 -12.79 12.79
N CYS B 33 3.10 -12.29 12.75
CA CYS B 33 3.58 -11.26 13.68
C CYS B 33 3.74 -10.05 12.78
N ALA B 34 2.80 -9.12 12.84
CA ALA B 34 2.82 -7.93 12.00
C ALA B 34 4.21 -7.28 11.88
N TYR B 35 4.70 -7.18 10.66
CA TYR B 35 5.99 -6.57 10.38
C TYR B 35 7.12 -7.20 11.19
N GLY B 36 6.94 -8.46 11.59
CA GLY B 36 7.96 -9.15 12.36
C GLY B 36 8.18 -8.60 13.76
N GLU B 37 7.22 -7.84 14.27
CA GLU B 37 7.36 -7.25 15.59
C GLU B 37 6.51 -7.97 16.64
N TRP B 38 6.69 -7.57 17.90
CA TRP B 38 5.94 -8.14 19.01
C TRP B 38 5.61 -6.98 19.95
N PRO B 39 4.43 -7.00 20.60
CA PRO B 39 4.05 -5.91 21.51
C PRO B 39 5.04 -5.72 22.65
N ASN B 40 5.12 -4.50 23.16
CA ASN B 40 6.01 -4.19 24.28
C ASN B 40 5.54 -2.91 24.98
N TYR B 41 5.93 -2.75 26.24
CA TYR B 41 5.58 -1.56 26.99
C TYR B 41 6.42 -0.39 26.50
N LEU B 42 5.91 0.83 26.73
CA LEU B 42 6.60 2.04 26.30
C LEU B 42 7.89 2.31 27.07
N PRO B 43 9.04 2.32 26.38
CA PRO B 43 10.31 2.58 27.09
C PRO B 43 10.46 4.05 27.47
N ASP B 44 11.27 4.30 28.51
CA ASP B 44 11.52 5.66 28.99
C ASP B 44 12.06 6.59 27.91
N HIS B 45 12.83 6.07 26.97
CA HIS B 45 13.40 6.93 25.93
C HIS B 45 12.46 7.28 24.79
N GLU B 46 11.21 6.82 24.85
CA GLU B 46 10.24 7.14 23.82
C GLU B 46 9.00 7.78 24.46
N ALA B 47 8.97 7.80 25.79
CA ALA B 47 7.84 8.35 26.53
C ALA B 47 7.70 9.86 26.41
N VAL B 48 6.46 10.33 26.52
CA VAL B 48 6.12 11.74 26.42
C VAL B 48 5.34 12.19 27.66
N ALA B 49 4.22 11.51 27.94
CA ALA B 49 3.39 11.82 29.10
C ALA B 49 4.18 11.50 30.36
N ILE B 50 4.30 12.46 31.28
CA ILE B 50 5.11 12.23 32.48
C ILE B 50 4.46 11.61 33.70
N ASP B 51 3.15 11.42 33.70
CA ASP B 51 2.51 10.80 34.86
C ASP B 51 2.76 9.29 34.85
N LYS B 52 2.87 8.70 36.04
CA LYS B 52 3.11 7.27 36.15
C LYS B 52 1.92 6.55 35.56
N PRO B 53 2.16 5.68 34.56
CA PRO B 53 1.06 4.95 33.93
C PRO B 53 0.55 3.79 34.77
N THR B 54 -0.66 3.34 34.46
CA THR B 54 -1.21 2.18 35.14
C THR B 54 -1.06 1.06 34.11
N GLN B 55 -0.61 -0.11 34.56
CA GLN B 55 -0.43 -1.27 33.69
C GLN B 55 -1.23 -2.40 34.37
N PRO B 56 -2.54 -2.45 34.09
CA PRO B 56 -3.46 -3.45 34.65
C PRO B 56 -3.21 -4.92 34.36
N GLU B 57 -2.36 -5.20 33.36
CA GLU B 57 -2.02 -6.57 33.01
C GLU B 57 -3.19 -7.53 32.74
N THR B 58 -3.37 -8.54 33.58
CA THR B 58 -4.42 -9.54 33.36
C THR B 58 -5.86 -9.08 33.24
N SER B 59 -6.21 -7.95 33.84
CA SER B 59 -7.60 -7.49 33.75
C SER B 59 -7.94 -6.95 32.36
N THR B 60 -6.92 -6.53 31.60
CA THR B 60 -7.13 -5.99 30.27
C THR B 60 -6.47 -6.80 29.15
N ASP B 61 -5.33 -7.43 29.45
CA ASP B 61 -4.61 -8.20 28.46
C ASP B 61 -5.15 -9.63 28.48
N ARG B 62 -6.27 -9.82 27.80
CA ARG B 62 -6.96 -11.10 27.77
C ARG B 62 -7.87 -11.10 26.53
N PHE B 63 -8.36 -12.28 26.15
CA PHE B 63 -9.24 -12.38 24.99
C PHE B 63 -10.68 -11.94 25.22
N TYR B 64 -11.16 -11.07 24.35
CA TYR B 64 -12.54 -10.59 24.38
C TYR B 64 -13.15 -11.11 23.08
N THR B 65 -14.22 -11.89 23.20
CA THR B 65 -14.88 -12.41 22.01
C THR B 65 -16.08 -11.56 21.65
N LEU B 66 -16.12 -11.09 20.41
CA LEU B 66 -17.21 -10.25 19.94
C LEU B 66 -18.34 -11.13 19.43
N ARG B 67 -19.49 -10.50 19.16
CA ARG B 67 -20.64 -11.24 18.62
C ARG B 67 -20.24 -11.77 17.25
N SER B 68 -20.70 -12.96 16.91
CA SER B 68 -20.36 -13.57 15.62
C SER B 68 -21.17 -12.96 14.48
N VAL B 69 -20.74 -13.26 13.25
CA VAL B 69 -21.46 -12.81 12.06
C VAL B 69 -21.69 -14.07 11.23
N LYS B 70 -22.68 -14.05 10.35
CA LYS B 70 -22.96 -15.20 9.51
C LYS B 70 -22.37 -15.06 8.11
N TRP B 71 -21.63 -16.08 7.68
CA TRP B 71 -21.04 -16.07 6.35
C TRP B 71 -22.11 -16.54 5.37
N GLU B 72 -22.61 -15.64 4.54
CA GLU B 72 -23.64 -16.00 3.58
C GLU B 72 -23.10 -16.03 2.15
N SER B 73 -23.84 -16.68 1.26
CA SER B 73 -23.42 -16.81 -0.13
C SER B 73 -23.15 -15.47 -0.83
N ASN B 74 -23.80 -14.41 -0.39
CA ASN B 74 -23.60 -13.11 -1.01
C ASN B 74 -22.94 -12.08 -0.08
N SER B 75 -22.24 -12.54 0.95
CA SER B 75 -21.57 -11.63 1.88
C SER B 75 -20.46 -10.83 1.16
N THR B 76 -20.26 -9.59 1.59
CA THR B 76 -19.23 -8.74 1.00
C THR B 76 -18.01 -8.61 1.91
N GLY B 77 -18.18 -8.95 3.19
CA GLY B 77 -17.05 -8.85 4.10
C GLY B 77 -17.39 -8.03 5.34
N TRP B 78 -16.55 -8.15 6.36
CA TRP B 78 -16.77 -7.45 7.62
C TRP B 78 -15.51 -6.74 8.11
N TRP B 79 -15.69 -5.76 8.99
CA TRP B 79 -14.56 -5.04 9.56
C TRP B 79 -14.85 -4.56 10.97
N TRP B 80 -13.80 -4.49 11.78
CA TRP B 80 -13.87 -4.03 13.16
C TRP B 80 -12.67 -3.12 13.39
N LYS B 81 -12.90 -1.93 13.93
CA LYS B 81 -11.80 -1.02 14.17
C LYS B 81 -11.32 -1.11 15.61
N LEU B 82 -10.01 -0.97 15.80
CA LEU B 82 -9.40 -1.06 17.12
C LEU B 82 -8.74 0.27 17.47
N PRO B 83 -8.90 0.72 18.73
CA PRO B 83 -9.62 0.11 19.85
C PRO B 83 -11.14 0.25 19.95
N ASP B 84 -11.76 1.01 19.05
CA ASP B 84 -13.22 1.22 19.10
C ASP B 84 -14.04 -0.01 19.44
N ALA B 85 -13.79 -1.12 18.75
CA ALA B 85 -14.57 -2.34 18.99
C ALA B 85 -14.55 -2.83 20.43
N LEU B 86 -13.48 -2.51 21.16
CA LEU B 86 -13.34 -2.93 22.56
C LEU B 86 -13.50 -1.80 23.58
N ASN B 87 -13.68 -0.57 23.11
CA ASN B 87 -13.78 0.56 24.02
C ASN B 87 -14.89 0.53 25.06
N ASN B 88 -15.79 -0.43 24.95
CA ASN B 88 -16.87 -0.55 25.91
C ASN B 88 -17.02 -1.98 26.44
N ILE B 89 -15.92 -2.73 26.38
CA ILE B 89 -15.93 -4.11 26.85
C ILE B 89 -14.97 -4.36 28.01
N GLY B 90 -15.51 -4.91 29.10
CA GLY B 90 -14.71 -5.24 30.27
C GLY B 90 -13.85 -4.15 30.88
N MET B 91 -12.79 -4.57 31.57
CA MET B 91 -11.89 -3.63 32.21
C MET B 91 -11.05 -2.84 31.21
N PHE B 92 -10.89 -3.37 30.00
CA PHE B 92 -10.15 -2.64 28.99
C PHE B 92 -11.01 -1.41 28.70
N GLY B 93 -12.30 -1.64 28.51
CA GLY B 93 -13.23 -0.56 28.25
C GLY B 93 -13.27 0.46 29.37
N GLN B 94 -13.25 0.01 30.61
CA GLN B 94 -13.28 0.93 31.74
C GLN B 94 -12.02 1.79 31.77
N ASN B 95 -10.85 1.18 31.60
CA ASN B 95 -9.62 1.96 31.61
C ASN B 95 -9.62 3.00 30.47
N VAL B 96 -10.12 2.59 29.31
CA VAL B 96 -10.20 3.49 28.17
C VAL B 96 -11.09 4.70 28.47
N GLN B 97 -12.21 4.47 29.14
CA GLN B 97 -13.14 5.56 29.44
C GLN B 97 -12.65 6.52 30.53
N TYR B 98 -11.87 6.02 31.48
CA TYR B 98 -11.36 6.83 32.58
C TYR B 98 -10.02 7.49 32.32
N HIS B 99 -9.38 7.15 31.20
CA HIS B 99 -8.07 7.71 30.87
C HIS B 99 -8.03 8.40 29.51
N TYR B 100 -7.37 9.56 29.48
CA TYR B 100 -7.23 10.31 28.25
C TYR B 100 -6.32 9.57 27.25
N LEU B 101 -5.30 8.88 27.77
CA LEU B 101 -4.36 8.17 26.89
C LEU B 101 -4.28 6.66 27.09
N TYR B 102 -4.04 5.95 25.99
CA TYR B 102 -3.90 4.51 26.03
C TYR B 102 -2.83 4.06 25.03
N ARG B 103 -2.36 2.84 25.22
CA ARG B 103 -1.35 2.24 24.37
C ARG B 103 -1.45 0.73 24.54
N SER B 104 -1.38 0.00 23.43
CA SER B 104 -1.42 -1.46 23.50
C SER B 104 -1.25 -2.13 22.15
N GLY B 105 -0.92 -3.41 22.21
CA GLY B 105 -0.79 -4.21 21.00
C GLY B 105 -2.08 -5.03 21.00
N PHE B 106 -2.23 -5.95 20.05
CA PHE B 106 -3.44 -6.78 19.99
C PHE B 106 -3.14 -8.16 19.42
N LEU B 107 -3.73 -9.18 20.01
CA LEU B 107 -3.56 -10.53 19.50
C LEU B 107 -4.93 -10.86 18.91
N ILE B 108 -4.98 -11.03 17.60
CA ILE B 108 -6.23 -11.31 16.91
C ILE B 108 -6.36 -12.78 16.50
N HIS B 109 -7.53 -13.35 16.76
CA HIS B 109 -7.80 -14.74 16.39
C HIS B 109 -9.17 -14.81 15.74
N VAL B 110 -9.19 -15.10 14.44
CA VAL B 110 -10.45 -15.19 13.70
C VAL B 110 -10.76 -16.67 13.52
N GLN B 111 -12.02 -17.03 13.79
CA GLN B 111 -12.45 -18.41 13.74
C GLN B 111 -13.58 -18.70 12.78
N CYS B 112 -13.46 -19.80 12.04
CA CYS B 112 -14.49 -20.20 11.08
C CYS B 112 -14.27 -21.63 10.63
N ASN B 113 -15.20 -22.52 11.00
CA ASN B 113 -15.12 -23.92 10.61
C ASN B 113 -16.33 -24.30 9.79
N ALA B 114 -16.20 -25.37 9.00
CA ALA B 114 -17.29 -25.88 8.17
C ALA B 114 -17.06 -27.39 8.02
N THR B 115 -17.32 -27.96 6.85
CA THR B 115 -17.07 -29.39 6.67
C THR B 115 -16.07 -29.59 5.55
N LYS B 116 -15.66 -30.85 5.36
CA LYS B 116 -14.72 -31.16 4.30
C LYS B 116 -15.41 -31.13 2.94
N PHE B 117 -16.71 -30.79 2.95
CA PHE B 117 -17.48 -30.67 1.73
C PHE B 117 -17.77 -29.21 1.39
N HIS B 118 -17.33 -28.29 2.25
CA HIS B 118 -17.52 -26.86 2.02
C HIS B 118 -16.24 -26.25 1.41
N GLN B 119 -16.42 -25.16 0.67
CA GLN B 119 -15.28 -24.45 0.10
C GLN B 119 -15.50 -22.96 0.36
N GLY B 120 -14.42 -22.21 0.43
CA GLY B 120 -14.51 -20.78 0.68
C GLY B 120 -13.17 -20.28 1.16
N ALA B 121 -12.89 -19.00 0.91
CA ALA B 121 -11.61 -18.44 1.34
C ALA B 121 -11.81 -17.01 1.81
N LEU B 122 -11.37 -16.76 3.04
CA LEU B 122 -11.48 -15.44 3.64
C LEU B 122 -10.11 -14.80 3.78
N LEU B 123 -10.01 -13.54 3.38
CA LEU B 123 -8.76 -12.82 3.56
C LEU B 123 -8.94 -12.18 4.93
N VAL B 124 -7.98 -12.43 5.83
CA VAL B 124 -8.03 -11.86 7.18
C VAL B 124 -6.83 -10.93 7.24
N VAL B 125 -7.08 -9.64 7.13
CA VAL B 125 -6.01 -8.65 7.10
C VAL B 125 -6.15 -7.53 8.14
N ALA B 126 -5.03 -7.15 8.73
CA ALA B 126 -4.99 -6.08 9.73
C ALA B 126 -4.43 -4.85 9.01
N ILE B 127 -5.28 -3.86 8.79
CA ILE B 127 -4.90 -2.65 8.08
C ILE B 127 -4.61 -1.47 9.01
N PRO B 128 -3.39 -0.91 8.93
CA PRO B 128 -3.07 0.24 9.79
C PRO B 128 -3.68 1.49 9.16
N GLU B 129 -4.22 2.37 9.99
CA GLU B 129 -4.84 3.61 9.51
C GLU B 129 -5.75 3.38 8.30
N HIS B 130 -6.74 2.50 8.43
CA HIS B 130 -7.64 2.28 7.31
C HIS B 130 -8.68 3.38 7.23
N GLN B 131 -8.32 4.46 6.56
CA GLN B 131 -9.20 5.62 6.39
C GLN B 131 -10.22 5.30 5.29
N ARG B 132 -11.48 5.14 5.69
CA ARG B 132 -12.54 4.83 4.73
C ARG B 132 -12.93 5.99 3.84
N GLY B 133 -13.40 5.64 2.64
CA GLY B 133 -13.87 6.64 1.71
C GLY B 133 -15.34 6.35 1.50
N ALA B 134 -16.12 7.33 1.05
CA ALA B 134 -17.53 7.12 0.77
C ALA B 134 -17.67 6.93 -0.74
N HIS B 135 -18.75 6.27 -1.14
CA HIS B 135 -18.98 6.00 -2.55
C HIS B 135 -19.85 7.02 -3.27
N ASP B 136 -19.39 7.45 -4.43
CA ASP B 136 -20.11 8.38 -5.30
C ASP B 136 -20.68 9.64 -4.65
N THR B 137 -19.82 10.38 -3.96
CA THR B 137 -20.18 11.63 -3.30
C THR B 137 -18.89 12.30 -2.87
N THR B 138 -18.90 13.61 -2.71
CA THR B 138 -17.70 14.31 -2.27
C THR B 138 -17.72 14.52 -0.76
N THR B 139 -18.84 14.18 -0.14
CA THR B 139 -18.99 14.34 1.31
C THR B 139 -18.23 13.23 2.06
N SER B 140 -17.39 13.63 3.01
CA SER B 140 -16.59 12.68 3.78
C SER B 140 -17.46 11.82 4.70
N PRO B 141 -17.01 10.60 5.01
CA PRO B 141 -17.77 9.71 5.89
C PRO B 141 -18.00 10.39 7.24
N GLY B 142 -19.16 10.15 7.86
CA GLY B 142 -19.48 10.76 9.13
C GLY B 142 -19.13 9.87 10.33
N PHE B 143 -19.26 10.42 11.53
CA PHE B 143 -18.94 9.69 12.75
C PHE B 143 -19.61 8.32 12.82
N ASN B 144 -20.90 8.24 12.55
CA ASN B 144 -21.60 6.97 12.63
C ASN B 144 -21.28 5.98 11.52
N ASP B 145 -20.63 6.44 10.45
CA ASP B 145 -20.24 5.55 9.36
C ASP B 145 -18.94 4.84 9.75
N ILE B 146 -18.19 5.47 10.65
CA ILE B 146 -16.89 4.95 11.07
C ILE B 146 -16.87 4.21 12.40
N MET B 147 -17.51 4.78 13.41
CA MET B 147 -17.51 4.19 14.75
C MET B 147 -18.69 3.24 14.95
N LYS B 148 -18.45 1.95 14.68
CA LYS B 148 -19.48 0.93 14.80
C LYS B 148 -19.42 0.17 16.12
N GLY B 149 -18.31 0.32 16.83
CA GLY B 149 -18.17 -0.38 18.09
C GLY B 149 -18.00 -1.88 17.92
N GLU B 150 -18.44 -2.61 18.95
CA GLU B 150 -18.37 -4.06 19.02
C GLU B 150 -19.00 -4.80 17.84
N ARG B 151 -20.05 -4.20 17.26
CA ARG B 151 -20.75 -4.82 16.14
C ARG B 151 -19.92 -4.81 14.85
N GLY B 152 -19.03 -3.82 14.71
CA GLY B 152 -18.21 -3.74 13.52
C GLY B 152 -19.06 -3.28 12.35
N GLY B 153 -18.47 -3.24 11.16
CA GLY B 153 -19.20 -2.82 9.99
C GLY B 153 -19.14 -3.83 8.87
N THR B 154 -19.58 -3.41 7.69
CA THR B 154 -19.60 -4.26 6.51
C THR B 154 -19.00 -3.50 5.32
N PHE B 155 -18.38 -4.23 4.39
CA PHE B 155 -17.80 -3.57 3.22
C PHE B 155 -18.86 -3.31 2.16
N ASN B 156 -18.82 -2.12 1.57
CA ASN B 156 -19.78 -1.77 0.52
C ASN B 156 -19.21 -2.23 -0.81
N HIS B 157 -17.91 -2.00 -1.00
CA HIS B 157 -17.20 -2.37 -2.21
C HIS B 157 -15.84 -2.95 -1.84
N PRO B 158 -15.84 -4.19 -1.30
CA PRO B 158 -14.59 -4.84 -0.90
C PRO B 158 -13.51 -4.86 -1.98
N TYR B 159 -13.94 -4.91 -3.23
CA TYR B 159 -13.02 -4.93 -4.38
C TYR B 159 -12.00 -3.79 -4.32
N VAL B 160 -12.40 -2.64 -3.79
CA VAL B 160 -11.48 -1.49 -3.67
C VAL B 160 -11.27 -1.11 -2.19
N LEU B 161 -11.51 -2.08 -1.30
CA LEU B 161 -11.36 -1.88 0.14
C LEU B 161 -12.09 -0.67 0.69
N ASP B 162 -13.18 -0.28 0.03
CA ASP B 162 -13.95 0.88 0.46
C ASP B 162 -13.08 2.12 0.63
N ASP B 163 -11.99 2.21 -0.12
CA ASP B 163 -11.12 3.37 -0.02
C ASP B 163 -10.49 3.75 -1.37
N GLY B 164 -11.06 3.23 -2.45
CA GLY B 164 -10.54 3.55 -3.77
C GLY B 164 -9.24 2.89 -4.19
N THR B 165 -8.75 1.92 -3.41
CA THR B 165 -7.52 1.25 -3.78
C THR B 165 -7.85 -0.15 -4.31
N SER B 166 -7.43 -1.21 -3.63
CA SER B 166 -7.76 -2.55 -4.12
C SER B 166 -7.50 -3.63 -3.08
N ILE B 167 -8.32 -4.67 -3.11
CA ILE B 167 -8.13 -5.76 -2.17
C ILE B 167 -7.02 -6.65 -2.75
N ALA B 168 -6.85 -6.62 -4.06
CA ALA B 168 -5.83 -7.43 -4.72
C ALA B 168 -4.45 -7.18 -4.13
N CYS B 169 -4.15 -5.92 -3.79
CA CYS B 169 -2.86 -5.58 -3.22
C CYS B 169 -2.86 -5.46 -1.70
N ALA B 170 -3.99 -5.80 -1.08
CA ALA B 170 -4.11 -5.72 0.38
C ALA B 170 -3.16 -6.65 1.11
N THR B 171 -2.60 -7.62 0.40
CA THR B 171 -1.65 -8.57 0.99
C THR B 171 -0.36 -7.87 1.45
N ILE B 172 -0.21 -6.59 1.12
CA ILE B 172 0.98 -5.85 1.55
C ILE B 172 0.87 -5.58 3.05
N PHE B 173 -0.34 -5.79 3.59
CA PHE B 173 -0.58 -5.59 5.03
C PHE B 173 -0.51 -6.95 5.74
N PRO B 174 -0.27 -6.94 7.06
CA PRO B 174 -0.18 -8.17 7.86
C PRO B 174 -1.46 -8.96 7.64
N HIS B 175 -1.33 -10.24 7.27
CA HIS B 175 -2.54 -11.03 7.02
C HIS B 175 -2.33 -12.53 7.02
N GLN B 176 -3.45 -13.24 6.93
CA GLN B 176 -3.50 -14.69 6.82
C GLN B 176 -4.78 -14.94 6.05
N TRP B 177 -5.03 -16.20 5.70
CA TRP B 177 -6.25 -16.55 4.99
C TRP B 177 -6.88 -17.73 5.73
N ILE B 178 -8.19 -17.84 5.60
CA ILE B 178 -8.88 -19.00 6.13
C ILE B 178 -9.47 -19.63 4.88
N ASN B 179 -8.83 -20.69 4.41
CA ASN B 179 -9.26 -21.44 3.24
C ASN B 179 -9.83 -22.71 3.88
N LEU B 180 -11.16 -22.81 3.89
CA LEU B 180 -11.88 -23.91 4.53
C LEU B 180 -11.29 -25.30 4.38
N ARG B 181 -10.78 -25.57 3.19
CA ARG B 181 -10.18 -26.85 2.88
C ARG B 181 -8.85 -27.07 3.64
N THR B 182 -8.23 -25.96 4.06
CA THR B 182 -6.94 -26.03 4.75
C THR B 182 -6.92 -25.76 6.26
N ASN B 183 -7.51 -24.64 6.68
CA ASN B 183 -7.50 -24.27 8.09
C ASN B 183 -8.84 -23.72 8.55
N ASN B 184 -9.00 -23.59 9.87
CA ASN B 184 -10.24 -23.06 10.41
C ASN B 184 -10.03 -21.84 11.30
N SER B 185 -8.83 -21.27 11.29
CA SER B 185 -8.55 -20.09 12.08
C SER B 185 -7.35 -19.30 11.55
N ALA B 186 -7.31 -18.02 11.87
CA ALA B 186 -6.23 -17.12 11.47
C ALA B 186 -5.81 -16.40 12.73
N THR B 187 -4.50 -16.19 12.90
CA THR B 187 -3.97 -15.51 14.08
C THR B 187 -2.95 -14.45 13.68
N ILE B 188 -3.15 -13.23 14.16
CA ILE B 188 -2.24 -12.13 13.87
C ILE B 188 -1.90 -11.36 15.13
N VAL B 189 -0.61 -11.18 15.38
CA VAL B 189 -0.14 -10.43 16.55
C VAL B 189 0.20 -9.02 16.07
N LEU B 190 -0.44 -8.02 16.66
CA LEU B 190 -0.22 -6.64 16.28
C LEU B 190 0.48 -5.80 17.35
N PRO B 191 1.58 -5.12 16.98
CA PRO B 191 2.29 -4.29 17.95
C PRO B 191 1.64 -2.91 17.90
N TRP B 192 2.03 -2.04 18.83
CA TRP B 192 1.50 -0.68 18.83
C TRP B 192 1.91 -0.10 17.48
N MET B 193 0.97 0.51 16.77
CA MET B 193 1.23 1.08 15.44
C MET B 193 0.69 2.50 15.40
N ASN B 194 1.57 3.48 15.50
CA ASN B 194 1.16 4.88 15.51
C ASN B 194 2.40 5.74 15.37
N VAL B 195 2.21 7.04 15.14
CA VAL B 195 3.33 7.97 15.02
C VAL B 195 3.61 8.64 16.36
N ALA B 196 2.78 8.33 17.35
CA ALA B 196 2.92 8.88 18.70
C ALA B 196 3.01 7.70 19.67
N PRO B 197 3.68 7.89 20.82
CA PRO B 197 3.81 6.80 21.79
C PRO B 197 2.52 6.34 22.46
N MET B 198 1.53 7.24 22.53
CA MET B 198 0.23 6.92 23.11
C MET B 198 -0.81 7.72 22.35
N ASP B 199 -2.09 7.45 22.57
CA ASP B 199 -3.14 8.18 21.86
C ASP B 199 -4.46 8.20 22.63
N PHE B 200 -5.36 9.08 22.20
CA PHE B 200 -6.70 9.20 22.80
C PHE B 200 -7.50 8.12 22.08
N PRO B 201 -7.93 7.07 22.82
CA PRO B 201 -8.69 5.96 22.24
C PRO B 201 -10.07 6.17 21.62
N LEU B 202 -10.73 7.28 21.95
CA LEU B 202 -12.08 7.51 21.43
C LEU B 202 -12.22 8.22 20.09
N ARG B 203 -11.12 8.70 19.52
CA ARG B 203 -11.20 9.42 18.26
C ARG B 203 -10.22 8.98 17.18
N HIS B 204 -9.50 7.89 17.43
CA HIS B 204 -8.54 7.41 16.44
C HIS B 204 -8.37 5.89 16.58
N ASN B 205 -8.41 5.19 15.45
CA ASN B 205 -8.25 3.75 15.46
C ASN B 205 -6.96 3.36 14.75
N GLN B 206 -6.02 2.79 15.49
CA GLN B 206 -4.74 2.38 14.94
C GLN B 206 -4.87 1.29 13.88
N TRP B 207 -5.70 0.29 14.15
CA TRP B 207 -5.87 -0.83 13.24
C TRP B 207 -7.32 -1.13 12.89
N THR B 208 -7.50 -1.75 11.72
CA THR B 208 -8.81 -2.17 11.28
C THR B 208 -8.66 -3.63 10.87
N LEU B 209 -9.46 -4.49 11.47
CA LEU B 209 -9.44 -5.91 11.14
C LEU B 209 -10.48 -6.11 10.06
N ALA B 210 -10.05 -6.60 8.90
CA ALA B 210 -10.96 -6.86 7.80
C ALA B 210 -10.98 -8.34 7.48
N VAL B 211 -12.20 -8.87 7.30
CA VAL B 211 -12.38 -10.28 6.97
C VAL B 211 -13.25 -10.27 5.72
N ILE B 212 -12.67 -10.65 4.59
CA ILE B 212 -13.38 -10.60 3.32
C ILE B 212 -13.40 -11.92 2.54
N PRO B 213 -14.60 -12.37 2.15
CA PRO B 213 -14.69 -13.62 1.40
C PRO B 213 -14.31 -13.41 -0.08
N VAL B 214 -13.07 -13.70 -0.42
CA VAL B 214 -12.61 -13.55 -1.80
C VAL B 214 -13.19 -14.69 -2.63
N VAL B 215 -13.32 -15.86 -2.01
CA VAL B 215 -13.93 -17.02 -2.68
C VAL B 215 -15.16 -17.31 -1.83
N PRO B 216 -16.35 -17.16 -2.41
CA PRO B 216 -17.62 -17.40 -1.69
C PRO B 216 -17.82 -18.79 -1.09
N LEU B 217 -18.61 -18.83 -0.03
CA LEU B 217 -18.92 -20.07 0.65
C LEU B 217 -19.80 -20.93 -0.26
N GLY B 218 -19.43 -22.19 -0.43
CA GLY B 218 -20.22 -23.06 -1.29
C GLY B 218 -20.14 -24.53 -0.92
N THR B 219 -21.21 -25.27 -1.21
CA THR B 219 -21.27 -26.70 -0.94
C THR B 219 -22.53 -27.29 -1.53
N ARG B 220 -22.60 -28.61 -1.57
CA ARG B 220 -23.77 -29.30 -2.08
C ARG B 220 -24.28 -30.23 -0.98
N THR B 221 -23.70 -30.11 0.22
CA THR B 221 -24.14 -30.92 1.34
C THR B 221 -25.18 -30.10 2.11
N MET B 222 -25.73 -30.67 3.17
CA MET B 222 -26.72 -29.99 4.00
C MET B 222 -26.31 -28.56 4.37
N SER B 223 -27.20 -27.60 4.14
CA SER B 223 -26.92 -26.22 4.48
C SER B 223 -26.99 -26.00 5.98
N SER B 224 -26.01 -25.28 6.50
CA SER B 224 -25.97 -24.96 7.92
C SER B 224 -25.45 -23.53 8.05
N VAL B 225 -25.81 -22.86 9.14
CA VAL B 225 -25.33 -21.51 9.36
C VAL B 225 -23.84 -21.65 9.66
N VAL B 226 -23.01 -20.95 8.89
CA VAL B 226 -21.56 -20.98 9.09
C VAL B 226 -21.12 -19.62 9.63
N PRO B 227 -20.85 -19.56 10.94
CA PRO B 227 -20.43 -18.29 11.55
C PRO B 227 -18.93 -18.00 11.42
N ILE B 228 -18.60 -16.73 11.63
CA ILE B 228 -17.22 -16.27 11.66
C ILE B 228 -17.16 -15.54 13.00
N THR B 229 -16.19 -15.90 13.83
CA THR B 229 -16.09 -15.30 15.14
C THR B 229 -14.73 -14.64 15.32
N VAL B 230 -14.73 -13.51 16.00
CA VAL B 230 -13.51 -12.76 16.26
C VAL B 230 -13.23 -12.63 17.76
N SER B 231 -12.00 -12.99 18.14
CA SER B 231 -11.56 -12.88 19.54
C SER B 231 -10.33 -12.00 19.51
N ILE B 232 -10.30 -10.98 20.35
CA ILE B 232 -9.17 -10.05 20.38
C ILE B 232 -8.65 -9.82 21.79
N ALA B 233 -7.34 -9.95 21.97
CA ALA B 233 -6.74 -9.73 23.27
C ALA B 233 -5.76 -8.57 23.25
N PRO B 234 -6.07 -7.49 24.00
CA PRO B 234 -5.14 -6.36 24.03
C PRO B 234 -3.87 -6.89 24.68
N MET B 235 -2.73 -6.29 24.34
CA MET B 235 -1.45 -6.73 24.89
C MET B 235 -0.59 -5.57 25.39
N CYS B 236 0.00 -5.74 26.57
CA CYS B 236 0.85 -4.73 27.17
C CYS B 236 0.12 -3.39 27.28
N CYS B 237 -1.10 -3.41 27.82
CA CYS B 237 -1.88 -2.18 27.97
C CYS B 237 -1.29 -1.22 28.98
N GLU B 238 -1.31 0.06 28.64
CA GLU B 238 -0.83 1.14 29.48
C GLU B 238 -1.81 2.29 29.31
N PHE B 239 -2.11 2.98 30.42
CA PHE B 239 -3.04 4.11 30.38
C PHE B 239 -2.47 5.28 31.18
N ASN B 240 -2.68 6.50 30.69
CA ASN B 240 -2.20 7.73 31.32
C ASN B 240 -3.31 8.79 31.27
N GLY B 241 -3.16 9.85 32.08
CA GLY B 241 -4.15 10.92 32.07
C GLY B 241 -5.48 10.55 32.69
N LEU B 242 -5.43 10.06 33.93
CA LEU B 242 -6.62 9.65 34.66
C LEU B 242 -7.55 10.82 35.00
N ARG B 243 -8.86 10.57 34.92
CA ARG B 243 -9.89 11.55 35.23
C ARG B 243 -11.21 10.81 35.38
N HIS B 244 -12.33 11.49 35.12
CA HIS B 244 -13.63 10.83 35.22
C HIS B 244 -13.91 10.10 33.91
N ALA B 245 -14.91 9.24 33.93
CA ALA B 245 -15.26 8.45 32.75
C ALA B 245 -16.06 9.21 31.70
N ILE B 246 -15.70 9.01 30.44
CA ILE B 246 -16.43 9.61 29.32
C ILE B 246 -17.34 8.48 28.85
N THR B 247 -18.03 7.86 29.79
CA THR B 247 -18.93 6.75 29.49
C THR B 247 -20.10 7.21 28.63
N GLY C 1 38.38 39.46 -5.33
CA GLY C 1 37.41 38.33 -5.25
C GLY C 1 37.85 37.15 -6.10
N VAL C 2 36.99 36.15 -6.21
CA VAL C 2 37.30 34.97 -7.00
C VAL C 2 36.76 35.11 -8.41
N PRO C 3 37.62 34.95 -9.43
CA PRO C 3 37.14 35.08 -10.80
C PRO C 3 36.32 33.83 -11.16
N THR C 4 35.11 34.04 -11.67
CA THR C 4 34.25 32.93 -12.03
C THR C 4 33.51 33.18 -13.34
N TYR C 5 32.80 32.16 -13.81
CA TYR C 5 32.02 32.28 -15.04
C TYR C 5 30.87 31.28 -14.98
N LEU C 6 29.70 31.70 -15.42
CA LEU C 6 28.52 30.85 -15.39
C LEU C 6 28.47 29.88 -16.56
N LEU C 7 28.13 28.62 -16.26
CA LEU C 7 28.05 27.57 -17.25
C LEU C 7 26.63 27.39 -17.78
N PRO C 8 26.49 26.70 -18.92
CA PRO C 8 25.15 26.49 -19.45
C PRO C 8 24.47 25.68 -18.33
N GLY C 9 23.18 25.88 -18.12
CA GLY C 9 22.49 25.17 -17.06
C GLY C 9 22.29 26.10 -15.86
N SER C 10 23.07 27.17 -15.81
CA SER C 10 22.97 28.12 -14.71
C SER C 10 21.57 28.74 -14.62
N GLY C 11 21.02 28.76 -13.41
CA GLY C 11 19.71 29.32 -13.21
C GLY C 11 18.52 28.41 -13.46
N GLN C 12 18.77 27.23 -14.04
CA GLN C 12 17.66 26.32 -14.34
C GLN C 12 17.11 25.61 -13.11
N PHE C 13 15.89 25.11 -13.24
CA PHE C 13 15.25 24.35 -12.17
C PHE C 13 14.97 22.95 -12.72
N LEU C 14 15.84 22.01 -12.36
CA LEU C 14 15.71 20.61 -12.76
C LEU C 14 15.03 19.89 -11.60
N THR C 15 13.86 19.31 -11.84
CA THR C 15 13.09 18.65 -10.78
C THR C 15 13.80 17.47 -10.11
N THR C 16 14.82 16.95 -10.75
CA THR C 16 15.56 15.83 -10.16
C THR C 16 16.92 16.26 -9.61
N ASP C 17 17.14 17.57 -9.48
CA ASP C 17 18.43 18.03 -8.96
C ASP C 17 18.58 17.65 -7.50
N ASP C 18 19.79 17.77 -6.97
CA ASP C 18 20.06 17.40 -5.59
C ASP C 18 21.06 18.36 -4.95
N HIS C 19 20.54 19.37 -4.27
CA HIS C 19 21.39 20.38 -3.63
C HIS C 19 20.82 20.74 -2.27
N SER C 20 21.62 21.40 -1.46
CA SER C 20 21.14 21.85 -0.16
C SER C 20 20.44 23.17 -0.45
N SER C 21 19.58 23.64 0.46
CA SER C 21 18.89 24.91 0.26
C SER C 21 18.57 25.54 1.62
N ALA C 22 18.40 26.85 1.61
CA ALA C 22 18.16 27.62 2.83
C ALA C 22 17.07 27.11 3.77
N PRO C 23 17.41 26.93 5.05
CA PRO C 23 16.42 26.45 6.02
C PRO C 23 15.47 27.60 6.36
N VAL C 24 14.18 27.36 6.21
CA VAL C 24 13.16 28.37 6.48
C VAL C 24 13.07 28.73 7.95
N LEU C 25 13.23 27.74 8.82
CA LEU C 25 13.15 27.94 10.25
C LEU C 25 14.47 27.60 10.92
N PRO C 26 15.34 28.60 11.10
CA PRO C 26 16.63 28.34 11.73
C PRO C 26 16.47 27.87 13.18
N CYS C 27 17.33 26.95 13.60
CA CYS C 27 17.33 26.42 14.95
C CYS C 27 16.10 25.59 15.31
N PHE C 28 15.38 25.12 14.30
CA PHE C 28 14.20 24.29 14.53
C PHE C 28 14.66 22.90 14.98
N ASN C 29 14.02 22.37 16.00
CA ASN C 29 14.37 21.04 16.52
C ASN C 29 13.26 20.04 16.21
N PRO C 30 13.44 19.23 15.15
CA PRO C 30 12.44 18.23 14.75
C PRO C 30 12.10 17.25 15.87
N THR C 31 10.87 16.74 15.85
CA THR C 31 10.43 15.79 16.86
C THR C 31 11.36 14.58 16.89
N PRO C 32 11.72 14.10 18.08
CA PRO C 32 12.61 12.94 18.19
C PRO C 32 12.04 11.75 17.41
N GLU C 33 12.91 10.96 16.81
CA GLU C 33 12.46 9.80 16.08
C GLU C 33 12.01 8.75 17.08
N MET C 34 11.07 7.91 16.66
CA MET C 34 10.54 6.85 17.50
C MET C 34 10.49 5.61 16.60
N HIS C 35 10.70 4.43 17.18
CA HIS C 35 10.64 3.24 16.35
C HIS C 35 9.21 2.99 15.92
N ILE C 36 9.03 2.70 14.64
CA ILE C 36 7.71 2.42 14.10
C ILE C 36 7.83 1.13 13.29
N PRO C 37 6.88 0.20 13.48
CA PRO C 37 6.91 -1.07 12.74
C PRO C 37 6.75 -0.87 11.23
N GLY C 38 7.33 -1.78 10.46
CA GLY C 38 7.17 -1.73 9.01
C GLY C 38 7.95 -0.74 8.16
N GLN C 39 9.15 -0.34 8.58
CA GLN C 39 9.91 0.60 7.78
C GLN C 39 10.32 -0.04 6.46
N ILE C 40 10.20 0.71 5.36
CA ILE C 40 10.60 0.23 4.05
C ILE C 40 11.66 1.20 3.52
N ARG C 41 12.78 0.65 3.06
CA ARG C 41 13.88 1.47 2.55
C ARG C 41 14.12 1.40 1.04
N ASN C 42 13.70 0.30 0.41
CA ASN C 42 13.85 0.16 -1.04
C ASN C 42 12.53 -0.39 -1.58
N MET C 43 12.01 0.23 -2.62
CA MET C 43 10.74 -0.21 -3.20
C MET C 43 10.76 -1.67 -3.66
N LEU C 44 11.95 -2.23 -3.86
CA LEU C 44 12.05 -3.63 -4.26
C LEU C 44 11.51 -4.55 -3.15
N GLU C 45 11.51 -4.05 -1.92
CA GLU C 45 11.00 -4.83 -0.78
C GLU C 45 9.50 -5.04 -0.93
N MET C 46 8.81 -4.03 -1.44
CA MET C 46 7.37 -4.05 -1.62
C MET C 46 6.91 -5.01 -2.74
N ILE C 47 7.61 -5.01 -3.86
CA ILE C 47 7.22 -5.86 -4.98
C ILE C 47 7.53 -7.34 -4.79
N GLN C 48 8.21 -7.70 -3.70
CA GLN C 48 8.51 -9.09 -3.43
C GLN C 48 7.35 -9.76 -2.69
N VAL C 49 6.35 -8.96 -2.32
CA VAL C 49 5.16 -9.48 -1.63
C VAL C 49 4.18 -9.87 -2.73
N GLU C 50 3.66 -11.10 -2.69
CA GLU C 50 2.72 -11.48 -3.74
C GLU C 50 1.34 -10.86 -3.55
N SER C 51 0.71 -10.50 -4.66
CA SER C 51 -0.63 -9.90 -4.65
C SER C 51 -1.46 -10.58 -5.73
N MET C 52 -2.78 -10.42 -5.64
CA MET C 52 -3.70 -11.08 -6.56
C MET C 52 -3.78 -10.58 -8.00
N MET C 53 -3.66 -11.50 -8.95
CA MET C 53 -3.76 -11.19 -10.37
C MET C 53 -5.24 -11.20 -10.76
N GLU C 54 -5.65 -10.27 -11.60
CA GLU C 54 -7.04 -10.20 -12.03
C GLU C 54 -7.15 -11.02 -13.32
N ILE C 55 -7.08 -12.34 -13.16
CA ILE C 55 -7.12 -13.26 -14.29
C ILE C 55 -8.45 -13.34 -15.02
N ASN C 56 -9.54 -13.20 -14.28
CA ASN C 56 -10.87 -13.27 -14.88
C ASN C 56 -11.37 -11.87 -15.25
N ASN C 57 -10.58 -11.16 -16.05
CA ASN C 57 -10.93 -9.82 -16.48
C ASN C 57 -11.79 -9.95 -17.74
N THR C 58 -13.03 -10.40 -17.54
CA THR C 58 -13.96 -10.62 -18.63
C THR C 58 -15.31 -9.97 -18.37
N ASP C 59 -16.06 -9.72 -19.44
CA ASP C 59 -17.38 -9.12 -19.33
C ASP C 59 -18.28 -10.11 -18.61
N GLY C 60 -19.00 -9.65 -17.59
CA GLY C 60 -19.86 -10.55 -16.85
C GLY C 60 -19.30 -10.83 -15.46
N ALA C 61 -18.00 -10.60 -15.30
CA ALA C 61 -17.35 -10.81 -14.02
C ALA C 61 -17.27 -9.44 -13.36
N ASN C 62 -17.88 -9.31 -12.18
CA ASN C 62 -17.89 -8.03 -11.49
C ASN C 62 -17.10 -8.05 -10.19
N GLY C 63 -16.35 -6.98 -9.95
CA GLY C 63 -15.58 -6.86 -8.74
C GLY C 63 -14.69 -8.04 -8.39
N MET C 64 -14.85 -8.59 -7.19
CA MET C 64 -14.01 -9.70 -6.77
C MET C 64 -14.11 -10.98 -7.59
N GLU C 65 -15.17 -11.12 -8.38
CA GLU C 65 -15.32 -12.30 -9.23
C GLU C 65 -14.16 -12.31 -10.23
N ARG C 66 -13.62 -11.13 -10.51
CA ARG C 66 -12.52 -11.01 -11.48
C ARG C 66 -11.18 -11.49 -10.92
N LEU C 67 -11.12 -11.66 -9.60
CA LEU C 67 -9.89 -12.08 -8.93
C LEU C 67 -9.75 -13.59 -8.70
N ARG C 68 -10.68 -14.37 -9.22
CA ARG C 68 -10.58 -15.81 -9.06
C ARG C 68 -10.95 -16.51 -10.36
N VAL C 69 -10.30 -17.63 -10.62
CA VAL C 69 -10.56 -18.39 -11.83
C VAL C 69 -11.25 -19.69 -11.44
N ASP C 70 -12.48 -19.86 -11.92
CA ASP C 70 -13.25 -21.06 -11.62
C ASP C 70 -12.92 -22.22 -12.55
N ILE C 71 -12.69 -23.39 -11.98
CA ILE C 71 -12.39 -24.57 -12.79
C ILE C 71 -13.47 -25.60 -12.47
N SER C 72 -13.92 -26.31 -13.50
CA SER C 72 -14.98 -27.31 -13.34
C SER C 72 -14.52 -28.72 -13.71
N VAL C 73 -15.31 -29.69 -13.28
CA VAL C 73 -15.03 -31.09 -13.60
C VAL C 73 -15.20 -31.17 -15.12
N GLN C 74 -14.18 -31.69 -15.80
CA GLN C 74 -14.22 -31.79 -17.26
C GLN C 74 -14.78 -33.10 -17.78
N ALA C 75 -15.31 -33.07 -18.99
CA ALA C 75 -15.84 -34.25 -19.64
C ALA C 75 -14.79 -34.76 -20.63
N ASP C 76 -13.95 -33.85 -21.11
CA ASP C 76 -12.89 -34.21 -22.06
C ASP C 76 -11.51 -34.15 -21.40
N LEU C 77 -10.51 -34.68 -22.08
CA LEU C 77 -9.15 -34.74 -21.55
C LEU C 77 -8.22 -33.62 -22.00
N ASP C 78 -7.13 -33.43 -21.24
CA ASP C 78 -6.10 -32.44 -21.52
C ASP C 78 -6.63 -31.03 -21.83
N GLN C 79 -7.73 -30.66 -21.19
CA GLN C 79 -8.36 -29.36 -21.44
C GLN C 79 -7.62 -28.10 -20.98
N LEU C 80 -7.64 -27.08 -21.84
CA LEU C 80 -7.05 -25.78 -21.53
C LEU C 80 -8.03 -25.11 -20.56
N LEU C 81 -7.52 -24.58 -19.45
CA LEU C 81 -8.39 -23.93 -18.47
C LEU C 81 -8.32 -22.40 -18.57
N PHE C 82 -7.12 -21.85 -18.74
CA PHE C 82 -6.98 -20.41 -18.86
C PHE C 82 -5.53 -20.04 -19.19
N ASN C 83 -5.34 -18.83 -19.67
CA ASN C 83 -3.99 -18.35 -19.94
C ASN C 83 -3.86 -16.96 -19.33
N ILE C 84 -2.64 -16.50 -19.15
CA ILE C 84 -2.42 -15.20 -18.55
C ILE C 84 -1.48 -14.36 -19.38
N PRO C 85 -1.98 -13.21 -19.88
CA PRO C 85 -1.16 -12.31 -20.69
C PRO C 85 -0.10 -11.77 -19.73
N LEU C 86 1.16 -11.77 -20.13
CA LEU C 86 2.21 -11.29 -19.24
C LEU C 86 2.48 -9.80 -19.47
N ASP C 87 1.46 -9.08 -19.92
CA ASP C 87 1.57 -7.66 -20.19
C ASP C 87 1.59 -6.83 -18.90
N ILE C 88 2.60 -5.99 -18.75
CA ILE C 88 2.68 -5.12 -17.58
C ILE C 88 2.47 -3.68 -18.03
N GLN C 89 3.00 -3.33 -19.20
CA GLN C 89 2.85 -1.98 -19.74
C GLN C 89 1.43 -1.84 -20.28
N LEU C 90 0.96 -2.85 -21.01
CA LEU C 90 -0.39 -2.82 -21.53
C LEU C 90 -1.26 -3.35 -20.39
N ASP C 91 -2.52 -2.94 -20.37
CA ASP C 91 -3.42 -3.37 -19.34
C ASP C 91 -3.60 -4.89 -19.42
N GLY C 92 -3.73 -5.53 -18.25
CA GLY C 92 -3.89 -6.96 -18.20
C GLY C 92 -3.92 -7.46 -16.76
N PRO C 93 -4.12 -8.77 -16.54
CA PRO C 93 -4.17 -9.38 -15.20
C PRO C 93 -3.05 -9.01 -14.24
N LEU C 94 -1.87 -8.68 -14.76
CA LEU C 94 -0.74 -8.35 -13.89
C LEU C 94 -0.61 -6.87 -13.53
N ARG C 95 -1.35 -6.01 -14.23
CA ARG C 95 -1.21 -4.57 -13.99
C ARG C 95 -1.51 -4.06 -12.58
N ASN C 96 -2.64 -4.45 -12.00
CA ASN C 96 -2.96 -3.98 -10.66
C ASN C 96 -2.48 -4.91 -9.55
N THR C 97 -1.16 -5.11 -9.50
CA THR C 97 -0.54 -5.94 -8.47
C THR C 97 0.56 -5.07 -7.86
N LEU C 98 1.12 -5.49 -6.74
CA LEU C 98 2.18 -4.70 -6.13
C LEU C 98 3.34 -4.57 -7.12
N VAL C 99 3.77 -5.69 -7.69
CA VAL C 99 4.88 -5.64 -8.63
C VAL C 99 4.49 -4.83 -9.87
N GLY C 100 3.27 -5.01 -10.36
CA GLY C 100 2.83 -4.29 -11.53
C GLY C 100 2.73 -2.78 -11.32
N ASN C 101 2.05 -2.37 -10.25
CA ASN C 101 1.90 -0.95 -9.95
C ASN C 101 3.23 -0.21 -9.76
N ILE C 102 4.13 -0.77 -8.97
CA ILE C 102 5.41 -0.13 -8.71
C ILE C 102 6.30 -0.14 -9.95
N SER C 103 6.32 -1.25 -10.67
CA SER C 103 7.14 -1.35 -11.88
C SER C 103 6.72 -0.31 -12.92
N ARG C 104 5.44 0.04 -12.94
CA ARG C 104 4.96 1.01 -13.91
C ARG C 104 5.39 2.46 -13.64
N TYR C 105 6.13 2.66 -12.55
CA TYR C 105 6.69 3.97 -12.24
C TYR C 105 8.10 3.97 -12.81
N TYR C 106 8.44 2.88 -13.51
CA TYR C 106 9.74 2.74 -14.14
C TYR C 106 9.60 2.32 -15.59
N THR C 107 10.71 2.27 -16.32
CA THR C 107 10.68 1.94 -17.75
C THR C 107 11.39 0.63 -18.09
N HIS C 108 12.41 0.30 -17.32
CA HIS C 108 13.19 -0.92 -17.56
C HIS C 108 13.06 -1.87 -16.38
N TRP C 109 13.06 -3.17 -16.66
CA TRP C 109 12.99 -4.16 -15.60
C TRP C 109 13.77 -5.42 -15.95
N SER C 110 14.18 -6.15 -14.92
CA SER C 110 14.94 -7.38 -15.08
C SER C 110 14.75 -8.21 -13.81
N GLY C 111 14.69 -9.53 -13.97
CA GLY C 111 14.53 -10.39 -12.82
C GLY C 111 13.45 -11.44 -13.00
N SER C 112 13.44 -12.42 -12.09
CA SER C 112 12.47 -13.49 -12.13
C SER C 112 11.18 -13.10 -11.42
N LEU C 113 10.08 -13.65 -11.90
CA LEU C 113 8.77 -13.42 -11.30
C LEU C 113 8.30 -14.77 -10.79
N GLU C 114 7.38 -14.76 -9.84
CA GLU C 114 6.85 -16.01 -9.32
C GLU C 114 5.34 -15.90 -9.23
N MET C 115 4.65 -16.91 -9.73
CA MET C 115 3.21 -16.95 -9.67
C MET C 115 2.82 -18.09 -8.76
N THR C 116 2.00 -17.79 -7.76
CA THR C 116 1.56 -18.80 -6.83
C THR C 116 0.05 -18.91 -6.93
N PHE C 117 -0.44 -20.14 -6.99
CA PHE C 117 -1.88 -20.36 -7.08
C PHE C 117 -2.36 -21.16 -5.87
N MET C 118 -3.44 -20.71 -5.26
CA MET C 118 -4.00 -21.40 -4.11
C MET C 118 -5.33 -22.01 -4.54
N PHE C 119 -5.47 -23.32 -4.35
CA PHE C 119 -6.70 -24.01 -4.70
C PHE C 119 -7.69 -23.79 -3.55
N CYS C 120 -8.86 -23.28 -3.87
CA CYS C 120 -9.87 -23.00 -2.84
C CYS C 120 -11.13 -23.85 -2.92
N GLY C 121 -10.99 -25.09 -3.42
CA GLY C 121 -12.14 -25.98 -3.50
C GLY C 121 -12.29 -26.63 -2.13
N SER C 122 -13.13 -27.66 -2.02
CA SER C 122 -13.32 -28.33 -0.73
C SER C 122 -12.21 -29.35 -0.50
N PHE C 123 -12.10 -29.82 0.74
CA PHE C 123 -11.08 -30.81 1.09
C PHE C 123 -11.23 -32.09 0.28
N MET C 124 -12.47 -32.49 0.00
CA MET C 124 -12.72 -33.72 -0.73
C MET C 124 -12.45 -33.63 -2.23
N ALA C 125 -12.15 -32.43 -2.72
CA ALA C 125 -11.86 -32.26 -4.14
C ALA C 125 -10.39 -32.56 -4.42
N THR C 126 -10.12 -33.29 -5.51
CA THR C 126 -8.75 -33.62 -5.88
C THR C 126 -8.51 -33.20 -7.33
N GLY C 127 -7.24 -33.20 -7.73
CA GLY C 127 -6.91 -32.83 -9.09
C GLY C 127 -5.45 -32.54 -9.30
N LYS C 128 -5.05 -32.54 -10.58
CA LYS C 128 -3.68 -32.24 -10.95
C LYS C 128 -3.75 -31.28 -12.13
N LEU C 129 -2.98 -30.20 -12.04
CA LEU C 129 -2.95 -29.20 -13.12
C LEU C 129 -1.50 -29.02 -13.55
N ILE C 130 -1.32 -28.44 -14.73
CA ILE C 130 0.03 -28.17 -15.21
C ILE C 130 0.05 -26.70 -15.61
N LEU C 131 0.97 -25.96 -15.02
CA LEU C 131 1.14 -24.53 -15.28
C LEU C 131 2.40 -24.38 -16.13
N CYS C 132 2.27 -23.70 -17.26
CA CYS C 132 3.40 -23.55 -18.17
C CYS C 132 3.79 -22.13 -18.53
N TYR C 133 5.09 -21.89 -18.57
CA TYR C 133 5.61 -20.59 -18.98
C TYR C 133 6.31 -20.83 -20.32
N THR C 134 5.85 -20.12 -21.34
CA THR C 134 6.41 -20.25 -22.68
C THR C 134 7.21 -19.02 -23.08
N PRO C 135 8.55 -19.16 -23.21
CA PRO C 135 9.38 -18.02 -23.60
C PRO C 135 8.86 -17.50 -24.95
N PRO C 136 9.05 -16.19 -25.24
CA PRO C 136 8.58 -15.58 -26.49
C PRO C 136 9.10 -16.13 -27.82
N GLY C 137 8.45 -15.70 -28.89
CA GLY C 137 8.84 -16.13 -30.22
C GLY C 137 7.67 -16.56 -31.09
N GLY C 138 6.72 -17.26 -30.50
CA GLY C 138 5.59 -17.71 -31.28
C GLY C 138 4.22 -17.35 -30.72
N SER C 139 3.22 -18.07 -31.18
CA SER C 139 1.84 -17.88 -30.77
C SER C 139 1.60 -18.63 -29.45
N CYS C 140 0.68 -18.13 -28.63
CA CYS C 140 0.38 -18.78 -27.36
C CYS C 140 -0.10 -20.21 -27.60
N PRO C 141 0.47 -21.19 -26.88
CA PRO C 141 0.04 -22.57 -27.06
C PRO C 141 -1.41 -22.80 -26.66
N THR C 142 -2.10 -23.65 -27.40
CA THR C 142 -3.50 -23.95 -27.13
C THR C 142 -3.73 -25.42 -26.79
N THR C 143 -2.67 -26.21 -26.81
CA THR C 143 -2.79 -27.63 -26.48
C THR C 143 -1.72 -27.97 -25.44
N ARG C 144 -2.03 -28.91 -24.55
CA ARG C 144 -1.08 -29.29 -23.51
C ARG C 144 0.22 -29.86 -24.08
N GLU C 145 0.13 -30.63 -25.15
CA GLU C 145 1.30 -31.24 -25.79
C GLU C 145 2.32 -30.18 -26.21
N THR C 146 1.83 -28.99 -26.55
CA THR C 146 2.72 -27.90 -26.96
C THR C 146 3.22 -27.10 -25.76
N ALA C 147 2.31 -26.72 -24.87
CA ALA C 147 2.66 -25.92 -23.69
C ALA C 147 3.67 -26.64 -22.79
N MET C 148 3.49 -27.95 -22.69
CA MET C 148 4.31 -28.86 -21.89
C MET C 148 5.81 -28.81 -22.25
N LEU C 149 6.12 -28.31 -23.44
CA LEU C 149 7.51 -28.22 -23.90
C LEU C 149 8.27 -27.06 -23.27
N GLY C 150 7.54 -26.14 -22.63
CA GLY C 150 8.19 -25.00 -21.99
C GLY C 150 8.43 -25.24 -20.52
N THR C 151 8.77 -24.18 -19.79
CA THR C 151 9.01 -24.26 -18.35
C THR C 151 7.68 -24.57 -17.68
N HIS C 152 7.65 -25.52 -16.77
CA HIS C 152 6.39 -25.84 -16.11
C HIS C 152 6.50 -26.56 -14.77
N ILE C 153 5.35 -26.63 -14.11
CA ILE C 153 5.23 -27.30 -12.82
C ILE C 153 3.90 -28.07 -12.84
N VAL C 154 3.95 -29.35 -12.51
CA VAL C 154 2.73 -30.15 -12.43
C VAL C 154 2.31 -30.05 -10.97
N TRP C 155 1.08 -29.60 -10.76
CA TRP C 155 0.54 -29.39 -9.43
C TRP C 155 -0.50 -30.40 -8.98
N ASP C 156 -0.23 -31.03 -7.83
CA ASP C 156 -1.13 -32.02 -7.24
C ASP C 156 -1.82 -31.37 -6.04
N PHE C 157 -3.16 -31.29 -6.07
CA PHE C 157 -3.90 -30.69 -4.97
C PHE C 157 -3.74 -31.56 -3.72
N GLY C 158 -3.62 -30.93 -2.56
CA GLY C 158 -3.47 -31.68 -1.33
C GLY C 158 -3.33 -30.79 -0.11
N LEU C 159 -2.76 -31.35 0.96
CA LEU C 159 -2.56 -30.62 2.21
C LEU C 159 -1.96 -29.24 1.93
N GLN C 160 -0.83 -29.21 1.22
CA GLN C 160 -0.21 -27.92 0.87
C GLN C 160 -1.13 -27.41 -0.24
N SER C 161 -1.85 -26.34 0.06
CA SER C 161 -2.82 -25.76 -0.86
C SER C 161 -2.33 -24.99 -2.07
N SER C 162 -1.08 -24.54 -2.04
CA SER C 162 -0.57 -23.71 -3.13
C SER C 162 0.66 -24.22 -3.86
N ILE C 163 0.78 -23.81 -5.12
CA ILE C 163 1.91 -24.20 -5.96
C ILE C 163 2.55 -22.93 -6.54
N THR C 164 3.85 -22.98 -6.77
CA THR C 164 4.54 -21.83 -7.34
C THR C 164 5.17 -22.16 -8.69
N LEU C 165 4.90 -21.29 -9.66
CA LEU C 165 5.48 -21.42 -10.99
C LEU C 165 6.48 -20.28 -11.05
N ILE C 166 7.76 -20.60 -11.24
CA ILE C 166 8.77 -19.56 -11.36
C ILE C 166 8.86 -19.17 -12.83
N ILE C 167 8.82 -17.87 -13.09
CA ILE C 167 8.98 -17.35 -14.45
C ILE C 167 10.41 -16.80 -14.39
N PRO C 168 11.39 -17.66 -14.67
CA PRO C 168 12.80 -17.25 -14.63
C PRO C 168 13.12 -16.16 -15.62
N TRP C 169 14.07 -15.31 -15.26
CA TRP C 169 14.48 -14.24 -16.16
C TRP C 169 15.22 -14.88 -17.33
N ILE C 170 14.56 -14.91 -18.48
CA ILE C 170 15.15 -15.45 -19.69
C ILE C 170 14.97 -14.35 -20.71
N SER C 171 16.06 -13.65 -20.98
CA SER C 171 16.05 -12.52 -21.90
C SER C 171 17.41 -12.42 -22.57
N GLY C 172 17.44 -11.93 -23.80
CA GLY C 172 18.71 -11.76 -24.49
C GLY C 172 19.43 -10.58 -23.89
N SER C 173 18.70 -9.47 -23.73
CA SER C 173 19.24 -8.24 -23.17
C SER C 173 19.17 -8.24 -21.63
N HIS C 174 20.02 -7.43 -21.00
CA HIS C 174 20.03 -7.32 -19.55
C HIS C 174 18.67 -6.92 -19.00
N TYR C 175 18.00 -5.99 -19.66
CA TYR C 175 16.69 -5.50 -19.24
C TYR C 175 15.67 -5.56 -20.37
N ARG C 176 14.39 -5.48 -20.00
CA ARG C 176 13.29 -5.41 -20.95
C ARG C 176 12.68 -4.03 -20.70
N MET C 177 11.90 -3.51 -21.65
CA MET C 177 11.29 -2.18 -21.50
C MET C 177 9.78 -2.27 -21.44
N PHE C 178 9.16 -1.33 -20.71
CA PHE C 178 7.71 -1.28 -20.63
C PHE C 178 7.25 -0.42 -21.80
N ASN C 179 7.49 -0.96 -23.00
CA ASN C 179 7.16 -0.31 -24.26
C ASN C 179 5.70 -0.52 -24.67
N SER C 180 5.09 0.52 -25.23
CA SER C 180 3.70 0.48 -25.67
C SER C 180 3.43 -0.56 -26.76
N ASP C 181 4.48 -1.05 -27.41
CA ASP C 181 4.33 -2.07 -28.44
C ASP C 181 4.53 -3.43 -27.76
N ALA C 182 3.42 -4.09 -27.45
CA ALA C 182 3.44 -5.38 -26.76
C ALA C 182 4.16 -6.50 -27.53
N LYS C 183 4.29 -6.36 -28.84
CA LYS C 183 4.94 -7.40 -29.64
C LYS C 183 6.42 -7.12 -29.92
N SER C 184 6.94 -6.07 -29.29
CA SER C 184 8.34 -5.70 -29.47
C SER C 184 9.26 -6.76 -28.89
N THR C 185 10.41 -6.98 -29.53
CA THR C 185 11.36 -7.99 -29.05
C THR C 185 12.00 -7.60 -27.72
N ASN C 186 11.89 -6.34 -27.34
CA ASN C 186 12.47 -5.88 -26.07
C ASN C 186 11.43 -5.78 -24.97
N ALA C 187 10.23 -6.30 -25.22
CA ALA C 187 9.17 -6.21 -24.24
C ALA C 187 8.39 -7.50 -23.96
N ASN C 188 8.04 -8.23 -25.01
CA ASN C 188 7.26 -9.45 -24.86
C ASN C 188 7.96 -10.50 -24.01
N VAL C 189 7.28 -10.95 -22.95
CA VAL C 189 7.82 -11.92 -22.00
C VAL C 189 7.45 -13.37 -22.32
N GLY C 190 6.44 -13.56 -23.15
CA GLY C 190 6.01 -14.91 -23.47
C GLY C 190 4.60 -15.12 -22.95
N TYR C 191 4.27 -16.36 -22.58
CA TYR C 191 2.92 -16.65 -22.08
C TYR C 191 2.91 -17.62 -20.90
N VAL C 192 1.78 -17.62 -20.19
CA VAL C 192 1.56 -18.56 -19.11
C VAL C 192 0.22 -19.21 -19.43
N THR C 193 0.18 -20.53 -19.41
CA THR C 193 -1.06 -21.27 -19.70
C THR C 193 -1.27 -22.32 -18.63
N CYS C 194 -2.52 -22.72 -18.44
CA CYS C 194 -2.86 -23.73 -17.45
C CYS C 194 -3.82 -24.76 -18.05
N PHE C 195 -3.45 -26.03 -17.94
CA PHE C 195 -4.26 -27.14 -18.46
C PHE C 195 -4.49 -28.15 -17.34
N MET C 196 -5.50 -29.00 -17.54
CA MET C 196 -5.76 -30.07 -16.59
C MET C 196 -4.64 -31.08 -16.86
N GLN C 197 -4.01 -31.62 -15.82
CA GLN C 197 -2.99 -32.64 -16.05
C GLN C 197 -3.83 -33.93 -16.04
N THR C 198 -4.75 -34.01 -15.07
CA THR C 198 -5.69 -35.13 -15.01
C THR C 198 -7.09 -34.50 -15.11
N ASN C 199 -7.75 -34.27 -13.98
CA ASN C 199 -9.07 -33.66 -13.99
C ASN C 199 -9.44 -33.26 -12.56
N LEU C 200 -10.38 -32.33 -12.42
CA LEU C 200 -10.86 -31.94 -11.10
C LEU C 200 -11.90 -33.00 -10.79
N ILE C 201 -11.74 -33.70 -9.68
CA ILE C 201 -12.67 -34.77 -9.33
C ILE C 201 -13.21 -34.55 -7.91
N VAL C 202 -14.53 -34.48 -7.79
CA VAL C 202 -15.17 -34.25 -6.50
C VAL C 202 -16.36 -35.17 -6.25
N PRO C 203 -16.69 -35.41 -4.97
CA PRO C 203 -17.83 -36.27 -4.64
C PRO C 203 -19.12 -35.47 -4.79
N SER C 204 -20.26 -36.15 -4.74
CA SER C 204 -21.57 -35.51 -4.89
C SER C 204 -21.86 -34.29 -4.03
N GLU C 205 -21.42 -34.31 -2.78
CA GLU C 205 -21.72 -33.20 -1.88
C GLU C 205 -20.72 -32.04 -1.88
N SER C 206 -19.64 -32.18 -2.64
CA SER C 206 -18.68 -31.10 -2.75
C SER C 206 -19.12 -30.32 -3.97
N SER C 207 -18.89 -29.01 -3.96
CA SER C 207 -19.25 -28.19 -5.11
C SER C 207 -18.44 -28.70 -6.31
N ASP C 208 -19.05 -28.73 -7.50
CA ASP C 208 -18.36 -29.22 -8.70
C ASP C 208 -17.63 -28.15 -9.50
N THR C 209 -17.63 -26.93 -8.97
CA THR C 209 -16.92 -25.82 -9.60
C THR C 209 -16.11 -25.21 -8.46
N CYS C 210 -14.80 -25.16 -8.63
CA CYS C 210 -13.92 -24.63 -7.59
C CYS C 210 -13.09 -23.46 -8.11
N SER C 211 -12.66 -22.60 -7.20
CA SER C 211 -11.89 -21.42 -7.58
C SER C 211 -10.41 -21.50 -7.22
N LEU C 212 -9.61 -20.81 -8.03
CA LEU C 212 -8.17 -20.70 -7.79
C LEU C 212 -7.95 -19.20 -7.67
N ILE C 213 -6.97 -18.81 -6.85
CA ILE C 213 -6.62 -17.41 -6.71
C ILE C 213 -5.15 -17.40 -7.11
N GLY C 214 -4.80 -16.58 -8.09
CA GLY C 214 -3.42 -16.50 -8.53
C GLY C 214 -2.74 -15.26 -8.01
N PHE C 215 -1.50 -15.42 -7.52
CA PHE C 215 -0.72 -14.30 -7.00
C PHE C 215 0.57 -14.20 -7.80
N ILE C 216 1.17 -13.01 -7.78
CA ILE C 216 2.44 -12.82 -8.47
C ILE C 216 3.30 -11.89 -7.64
N ALA C 217 4.61 -12.06 -7.75
CA ALA C 217 5.57 -11.23 -7.02
C ALA C 217 6.92 -11.32 -7.70
N ALA C 218 7.80 -10.38 -7.41
CA ALA C 218 9.15 -10.38 -7.97
C ALA C 218 10.04 -11.14 -6.99
N LYS C 219 11.12 -11.72 -7.48
CA LYS C 219 12.08 -12.42 -6.62
C LYS C 219 13.16 -11.38 -6.29
N ASP C 220 14.13 -11.73 -5.43
CA ASP C 220 15.15 -10.76 -5.09
C ASP C 220 16.25 -10.54 -6.13
N ASP C 221 16.09 -11.10 -7.33
CA ASP C 221 17.07 -10.89 -8.40
C ASP C 221 16.48 -9.83 -9.34
N PHE C 222 15.42 -9.17 -8.87
CA PHE C 222 14.72 -8.14 -9.63
C PHE C 222 15.38 -6.77 -9.53
N SER C 223 15.17 -5.94 -10.55
CA SER C 223 15.75 -4.59 -10.59
C SER C 223 14.94 -3.72 -11.55
N LEU C 224 14.71 -2.45 -11.18
CA LEU C 224 13.94 -1.51 -11.99
C LEU C 224 14.76 -0.25 -12.28
N ARG C 225 14.59 0.32 -13.47
CA ARG C 225 15.32 1.54 -13.84
C ARG C 225 14.50 2.54 -14.64
N LEU C 226 15.01 3.77 -14.68
CA LEU C 226 14.41 4.87 -15.42
C LEU C 226 13.01 5.25 -14.95
N MET C 227 12.97 6.03 -13.87
CA MET C 227 11.71 6.46 -13.30
C MET C 227 10.90 7.33 -14.25
N ARG C 228 9.59 7.12 -14.24
CA ARG C 228 8.68 7.86 -15.11
C ARG C 228 7.36 8.00 -14.36
N ASP C 229 6.49 8.88 -14.85
CA ASP C 229 5.19 9.03 -14.22
C ASP C 229 4.34 7.83 -14.61
N SER C 230 3.57 7.32 -13.65
CA SER C 230 2.72 6.17 -13.89
C SER C 230 1.48 6.52 -14.72
N PRO C 231 1.10 5.64 -15.66
CA PRO C 231 -0.07 5.87 -16.52
C PRO C 231 -1.36 5.51 -15.77
N ASP C 232 -1.23 5.01 -14.56
CA ASP C 232 -2.39 4.58 -13.78
C ASP C 232 -3.22 5.63 -13.04
N ILE C 233 -2.82 6.89 -13.14
CA ILE C 233 -3.57 7.95 -12.46
C ILE C 233 -3.48 9.23 -13.27
N GLY C 234 -4.54 10.03 -13.25
CA GLY C 234 -4.54 11.29 -13.98
C GLY C 234 -5.71 12.15 -13.56
N GLN C 235 -5.73 13.41 -13.99
CA GLN C 235 -6.82 14.29 -13.64
C GLN C 235 -7.05 15.29 -14.77
N SER C 236 -8.29 15.68 -14.99
CA SER C 236 -8.62 16.62 -16.05
C SER C 236 -9.23 17.89 -15.46
N ASN C 237 -9.53 17.86 -14.17
CA ASN C 237 -10.11 19.01 -13.49
C ASN C 237 -9.54 19.13 -12.08
N HIS C 238 -9.91 20.21 -11.40
CA HIS C 238 -9.49 20.42 -10.02
C HIS C 238 -10.27 19.41 -9.20
N LEU C 239 -9.66 18.88 -8.14
CA LEU C 239 -10.37 17.95 -7.29
C LEU C 239 -11.29 18.80 -6.43
N HIS C 240 -12.35 18.20 -5.91
CA HIS C 240 -13.27 18.93 -5.06
C HIS C 240 -12.51 19.48 -3.85
N GLY C 241 -12.70 20.77 -3.56
CA GLY C 241 -12.03 21.38 -2.42
C GLY C 241 -10.66 21.98 -2.70
N ALA C 242 -10.07 21.65 -3.84
CA ALA C 242 -8.77 22.19 -4.19
C ALA C 242 -8.78 23.72 -4.23
N GLU C 243 -9.73 24.29 -4.95
CA GLU C 243 -9.82 25.73 -5.07
C GLU C 243 -10.21 26.39 -3.75
N ALA C 244 -11.01 25.69 -2.94
CA ALA C 244 -11.45 26.22 -1.67
C ALA C 244 -10.28 26.41 -0.71
N ALA C 245 -9.15 25.75 -1.00
CA ALA C 245 -7.97 25.88 -0.17
C ALA C 245 -7.44 27.31 -0.24
N TYR C 246 -7.89 28.05 -1.25
CA TYR C 246 -7.47 29.44 -1.45
C TYR C 246 -8.51 30.42 -0.91
N GLN C 247 -9.56 29.90 -0.27
CA GLN C 247 -10.60 30.76 0.28
C GLN C 247 -10.71 30.60 1.79
N ILE D 29 28.85 19.04 0.61
CA ILE D 29 29.07 19.79 1.89
C ILE D 29 27.95 20.82 2.12
N ASN D 30 27.28 20.69 3.27
CA ASN D 30 26.21 21.61 3.63
C ASN D 30 26.80 22.84 4.30
N PHE D 31 26.61 24.00 3.69
CA PHE D 31 27.15 25.25 4.25
C PHE D 31 26.16 25.97 5.16
N TYR D 32 24.96 25.42 5.29
CA TYR D 32 23.94 26.00 6.17
C TYR D 32 24.17 25.45 7.58
N LYS D 33 23.70 26.17 8.58
CA LYS D 33 23.90 25.72 9.96
C LYS D 33 22.92 24.65 10.42
N ASP D 34 21.79 24.52 9.75
CA ASP D 34 20.79 23.52 10.10
C ASP D 34 20.97 22.28 9.23
N SER D 35 21.16 21.13 9.86
CA SER D 35 21.39 19.89 9.11
C SER D 35 20.25 19.48 8.19
N TYR D 36 19.02 19.87 8.51
CA TYR D 36 17.90 19.49 7.65
C TYR D 36 17.93 20.19 6.30
N ALA D 37 18.83 21.15 6.14
CA ALA D 37 18.96 21.90 4.89
C ALA D 37 19.83 21.15 3.87
N ALA D 38 20.57 20.16 4.35
CA ALA D 38 21.48 19.37 3.50
C ALA D 38 20.81 18.72 2.30
N SER D 39 21.65 18.28 1.34
CA SER D 39 21.16 17.61 0.15
C SER D 39 20.64 16.23 0.55
N ALA D 40 20.04 15.52 -0.40
CA ALA D 40 19.48 14.19 -0.13
C ALA D 40 20.46 13.15 0.40
N SER D 41 19.91 12.13 1.06
CA SER D 41 20.72 11.05 1.60
C SER D 41 20.31 9.76 0.89
N LYS D 42 21.07 9.43 -0.17
CA LYS D 42 20.80 8.27 -1.00
C LYS D 42 21.79 7.13 -0.73
N GLN D 43 22.18 6.93 0.53
CA GLN D 43 23.14 5.89 0.84
C GLN D 43 22.65 4.79 1.78
N ASP D 44 21.34 4.72 2.03
CA ASP D 44 20.84 3.68 2.92
C ASP D 44 20.40 2.44 2.16
N PHE D 45 21.33 1.52 1.97
CA PHE D 45 21.07 0.28 1.24
C PHE D 45 20.59 -0.89 2.10
N SER D 46 20.24 -0.62 3.35
CA SER D 46 19.74 -1.69 4.22
C SER D 46 18.33 -2.09 3.82
N GLN D 47 18.04 -3.37 3.91
CA GLN D 47 16.72 -3.91 3.58
C GLN D 47 16.37 -5.08 4.50
N ASP D 48 15.08 -5.36 4.62
CA ASP D 48 14.58 -6.49 5.38
C ASP D 48 13.20 -6.83 4.84
N PRO D 49 13.15 -7.39 3.62
CA PRO D 49 11.89 -7.76 2.96
C PRO D 49 11.04 -8.69 3.79
N SER D 50 11.70 -9.54 4.57
CA SER D 50 11.00 -10.53 5.39
C SER D 50 9.93 -9.96 6.32
N LYS D 51 10.03 -8.69 6.67
CA LYS D 51 9.00 -8.12 7.54
C LYS D 51 7.69 -8.03 6.78
N PHE D 52 7.76 -8.10 5.45
CA PHE D 52 6.58 -8.05 4.59
C PHE D 52 6.30 -9.40 3.92
N THR D 53 7.35 -10.11 3.54
CA THR D 53 7.22 -11.39 2.85
C THR D 53 7.12 -12.64 3.74
N GLU D 54 7.72 -12.61 4.93
CA GLU D 54 7.68 -13.76 5.83
C GLU D 54 7.44 -13.32 7.28
N PRO D 55 6.31 -12.66 7.55
CA PRO D 55 6.06 -12.22 8.93
C PRO D 55 5.50 -13.35 9.81
N VAL D 56 5.88 -14.58 9.51
CA VAL D 56 5.40 -15.72 10.29
C VAL D 56 6.34 -16.02 11.46
N VAL D 57 5.75 -16.37 12.60
CA VAL D 57 6.52 -16.64 13.81
C VAL D 57 7.53 -17.77 13.64
N GLU D 58 7.15 -18.80 12.89
CA GLU D 58 8.05 -19.92 12.67
C GLU D 58 8.64 -19.89 11.27
N GLY D 59 9.97 -19.75 11.21
CA GLY D 59 10.64 -19.70 9.93
C GLY D 59 10.34 -20.89 9.05
N LEU D 60 10.04 -20.62 7.77
CA LEU D 60 9.73 -21.67 6.82
C LEU D 60 10.99 -22.16 6.12
N LYS D 61 11.31 -23.44 6.30
CA LYS D 61 12.50 -24.03 5.69
C LYS D 61 12.32 -24.25 4.19
N ALA D 62 13.41 -24.07 3.45
CA ALA D 62 13.45 -24.21 1.99
C ALA D 62 12.45 -25.17 1.34
N GLY D 63 12.78 -26.45 1.31
CA GLY D 63 11.91 -27.43 0.68
C GLY D 63 10.96 -28.19 1.59
N ALA D 64 11.09 -28.00 2.90
CA ALA D 64 10.25 -28.69 3.86
C ALA D 64 8.80 -28.21 3.76
N PRO D 65 7.82 -29.13 3.83
CA PRO D 65 6.40 -28.77 3.75
C PRO D 65 6.06 -27.67 4.76
N VAL D 66 5.57 -26.54 4.24
CA VAL D 66 5.22 -25.41 5.08
C VAL D 66 4.18 -25.76 6.15
N LEU D 67 3.29 -26.69 5.85
CA LEU D 67 2.28 -27.12 6.80
C LEU D 67 2.49 -28.57 7.21
C1 DKA E . 0.74 13.90 3.94
O1 DKA E . 0.59 13.49 2.77
C2 DKA E . 2.11 14.47 4.31
C3 DKA E . 2.09 15.99 4.10
C4 DKA E . 3.46 16.58 4.46
C5 DKA E . 3.47 18.07 4.16
C6 DKA E . 4.86 18.65 4.44
C7 DKA E . 4.87 20.15 4.16
C8 DKA E . 4.59 20.42 2.68
C9 DKA E . 4.69 21.93 2.42
C10 DKA E . 4.45 22.20 0.93
O2 DKA E . -0.11 13.86 4.85
#